data_8UX6
#
_entry.id   8UX6
#
_cell.length_a   39.010
_cell.length_b   75.560
_cell.length_c   90.591
_cell.angle_alpha   69.260
_cell.angle_beta   77.600
_cell.angle_gamma   76.080
#
_symmetry.space_group_name_H-M   'P 1'
#
loop_
_entity.id
_entity.type
_entity.pdbx_description
1 polymer 'Fab201 light chain'
2 polymer 'Fab201 heavy chain'
3 polymer 'p67 protein'
4 non-polymer 1,2-ETHANEDIOL
5 non-polymer '4-(2-HYDROXYETHYL)-1-PIPERAZINE ETHANESULFONIC ACID'
6 non-polymer DI(HYDROXYETHYL)ETHER
7 non-polymer 'SODIUM ION'
8 non-polymer 'CALCIUM ION'
9 non-polymer 'CHLORIDE ION'
10 water water
#
loop_
_entity_poly.entity_id
_entity_poly.type
_entity_poly.pdbx_seq_one_letter_code
_entity_poly.pdbx_strand_id
1 'polypeptide(L)'
;DIQMTQSPSSLSASVGDRVTITCRASQSVSSAVAWYQQKPGKAPKLLIYSASSLYSGVPSRFSGSRSGTDFTLTISSLQP
EDFATYYCQQYYYAPITFGQGTKVEIKRTVAAPSVFIFPPSDSQLKSGTASVVCLLNNFYPREAKVQWKVDNALQSGNSQ
ESVTEQDSKDSTYSLSSTLTLSKADYEKHKVYACEVTHQGLSSPVTKSFNRGECGG
;
C,A
2 'polypeptide(L)'
;SEVQLVESGGGLVQPGGSLRLSCAASGFNISSSSIHWVRQAPGKGLEWVASISPYYSSTSYADSVKGRFTISADTSKNTA
YLQMNSLRAEDTAVYYCARGPGYAMDYWGQGTLVTVSSASTKGPSVFPLAPSSKSTSGGTAALGCLVKDYFPEPVTVSWN
SGALTSGVHTFPAVLQSSGLYSLSSVVTVPSSSLGTQTYICNVNHKPSNTKVDKKVEPKSC
;
B,D
3 'polypeptide(L)' GTGGGSLRGLDLSEEEVKKILDEIVKDPSDGELGLGDLSDP E,F
#
# COMPACT_ATOMS: atom_id res chain seq x y z
N ASP A 1 6.24 29.30 -9.67
CA ASP A 1 6.78 28.45 -8.59
C ASP A 1 6.53 26.98 -8.88
N ILE A 2 7.56 26.17 -8.74
CA ILE A 2 7.45 24.73 -8.99
C ILE A 2 7.04 24.03 -7.72
N GLN A 3 5.97 23.25 -7.80
CA GLN A 3 5.62 22.26 -6.78
C GLN A 3 6.22 20.90 -7.16
N MET A 4 6.67 20.15 -6.14
CA MET A 4 7.17 18.79 -6.30
C MET A 4 6.32 17.88 -5.42
N THR A 5 5.45 17.08 -6.04
CA THR A 5 4.52 16.23 -5.31
C THR A 5 5.05 14.80 -5.32
N GLN A 6 5.52 14.36 -4.16
CA GLN A 6 6.19 13.07 -3.98
C GLN A 6 5.25 12.07 -3.31
N SER A 7 5.31 10.82 -3.76
CA SER A 7 4.39 9.80 -3.30
C SER A 7 5.08 8.45 -3.28
N PRO A 8 4.72 7.56 -2.34
CA PRO A 8 3.82 7.78 -1.20
C PRO A 8 4.58 8.40 -0.04
N SER A 9 3.87 8.82 1.01
CA SER A 9 4.53 9.46 2.15
C SER A 9 5.32 8.46 2.98
N SER A 10 5.01 7.16 2.87
CA SER A 10 5.74 6.13 3.60
C SER A 10 5.44 4.78 2.97
N LEU A 11 6.38 3.85 3.11
CA LEU A 11 6.12 2.50 2.62
C LEU A 11 6.96 1.49 3.37
N SER A 12 6.46 0.26 3.39
CA SER A 12 7.08 -0.86 4.07
C SER A 12 7.37 -1.92 3.02
N ALA A 13 8.61 -2.43 3.00
CA ALA A 13 9.01 -3.41 2.02
C ALA A 13 10.03 -4.35 2.64
N SER A 14 10.07 -5.58 2.15
CA SER A 14 11.00 -6.56 2.71
C SER A 14 12.36 -6.42 2.04
N VAL A 15 13.37 -6.99 2.70
CA VAL A 15 14.72 -6.96 2.16
C VAL A 15 14.77 -7.84 0.92
N GLY A 16 15.32 -7.30 -0.17
CA GLY A 16 15.32 -7.97 -1.44
C GLY A 16 14.25 -7.52 -2.41
N ASP A 17 13.29 -6.71 -1.97
CA ASP A 17 12.16 -6.29 -2.78
C ASP A 17 12.50 -5.05 -3.62
N ARG A 18 11.64 -4.78 -4.62
N ARG A 18 11.64 -4.77 -4.60
CA ARG A 18 11.73 -3.58 -5.46
CA ARG A 18 11.77 -3.58 -5.43
C ARG A 18 10.85 -2.47 -4.89
C ARG A 18 10.86 -2.48 -4.89
N VAL A 19 11.43 -1.30 -4.65
CA VAL A 19 10.68 -0.12 -4.21
C VAL A 19 10.75 0.99 -5.24
N THR A 20 9.64 1.71 -5.38
CA THR A 20 9.45 2.76 -6.38
C THR A 20 8.92 3.99 -5.66
N ILE A 21 9.65 5.09 -5.74
CA ILE A 21 9.17 6.38 -5.27
C ILE A 21 9.08 7.27 -6.50
N THR A 22 8.01 8.03 -6.60
CA THR A 22 7.84 8.94 -7.71
C THR A 22 7.68 10.37 -7.19
N CYS A 23 8.08 11.32 -8.01
CA CYS A 23 7.88 12.74 -7.72
C CYS A 23 7.30 13.39 -8.98
N ARG A 24 6.21 14.13 -8.82
CA ARG A 24 5.52 14.75 -9.94
C ARG A 24 5.69 16.26 -9.82
N ALA A 25 6.28 16.87 -10.83
CA ALA A 25 6.51 18.31 -10.78
C ALA A 25 5.26 19.05 -11.29
N SER A 26 5.12 20.31 -10.89
CA SER A 26 3.95 21.06 -11.33
C SER A 26 4.09 21.56 -12.76
N GLN A 27 5.32 21.71 -13.22
CA GLN A 27 5.59 22.15 -14.58
C GLN A 27 6.93 21.55 -14.98
N SER A 28 7.27 21.73 -16.26
CA SER A 28 8.51 21.17 -16.77
C SER A 28 9.70 21.67 -15.96
N VAL A 29 10.49 20.72 -15.45
CA VAL A 29 11.77 21.02 -14.83
C VAL A 29 12.91 20.42 -15.65
N SER A 30 12.62 20.08 -16.91
CA SER A 30 13.58 19.45 -17.82
C SER A 30 14.13 18.21 -17.11
N SER A 31 15.45 18.05 -16.98
CA SER A 31 16.01 16.95 -16.20
C SER A 31 16.70 17.44 -14.93
N ALA A 32 16.40 18.65 -14.48
CA ALA A 32 17.11 19.26 -13.35
C ALA A 32 16.48 18.81 -12.02
N VAL A 33 16.60 17.51 -11.75
CA VAL A 33 16.00 16.90 -10.56
C VAL A 33 17.06 16.07 -9.85
N ALA A 34 17.10 16.17 -8.53
CA ALA A 34 17.98 15.33 -7.73
C ALA A 34 17.14 14.54 -6.74
N TRP A 35 17.77 13.47 -6.22
CA TRP A 35 17.21 12.64 -5.17
C TRP A 35 18.22 12.55 -4.04
N TYR A 36 17.73 12.60 -2.80
CA TYR A 36 18.56 12.60 -1.60
C TYR A 36 18.07 11.53 -0.63
N GLN A 37 19.00 10.98 0.13
CA GLN A 37 18.72 10.02 1.19
C GLN A 37 19.02 10.64 2.55
N GLN A 38 18.08 10.56 3.49
CA GLN A 38 18.36 11.03 4.84
C GLN A 38 18.00 9.98 5.86
N LYS A 39 19.05 9.45 6.61
CA LYS A 39 18.94 8.57 7.75
C LYS A 39 18.72 9.40 9.02
N PRO A 40 17.99 8.84 9.97
CA PRO A 40 17.57 9.61 11.16
C PRO A 40 18.76 10.20 11.92
N GLY A 41 18.68 11.51 12.15
CA GLY A 41 19.73 12.22 12.86
C GLY A 41 20.91 12.64 12.04
N LYS A 42 20.84 12.51 10.71
CA LYS A 42 21.99 12.77 9.86
C LYS A 42 21.62 13.72 8.72
N ALA A 43 22.66 14.29 8.12
CA ALA A 43 22.53 15.13 6.93
C ALA A 43 22.12 14.30 5.73
N PRO A 44 21.34 14.88 4.82
CA PRO A 44 21.02 14.17 3.57
C PRO A 44 22.27 13.92 2.76
N LYS A 45 22.23 12.89 1.92
CA LYS A 45 23.32 12.66 0.99
C LYS A 45 22.77 12.56 -0.43
N LEU A 46 23.49 13.14 -1.39
CA LEU A 46 23.00 13.14 -2.77
C LEU A 46 23.13 11.74 -3.36
N LEU A 47 22.05 11.24 -3.94
CA LEU A 47 22.08 9.94 -4.59
C LEU A 47 22.00 10.04 -6.10
N ILE A 48 21.17 10.94 -6.61
CA ILE A 48 20.92 11.02 -8.04
C ILE A 48 20.83 12.47 -8.45
N TYR A 49 21.45 12.80 -9.57
CA TYR A 49 21.29 14.13 -10.15
C TYR A 49 20.89 13.98 -11.60
N SER A 50 20.38 15.07 -12.16
CA SER A 50 19.84 15.10 -13.52
C SER A 50 18.97 13.88 -13.83
N ALA A 51 18.03 13.60 -12.92
CA ALA A 51 17.02 12.55 -13.07
C ALA A 51 17.57 11.12 -12.97
N SER A 52 18.72 10.85 -13.61
CA SER A 52 19.14 9.45 -13.81
C SER A 52 20.64 9.20 -13.66
N SER A 53 21.42 10.14 -13.14
CA SER A 53 22.86 9.93 -12.97
C SER A 53 23.16 9.66 -11.50
N LEU A 54 23.90 8.58 -11.23
CA LEU A 54 24.22 8.18 -9.86
C LEU A 54 25.45 8.93 -9.40
N TYR A 55 25.38 9.46 -8.17
CA TYR A 55 26.46 10.23 -7.58
C TYR A 55 27.55 9.30 -7.03
N SER A 56 28.61 9.93 -6.52
CA SER A 56 29.78 9.21 -6.01
C SER A 56 29.38 8.24 -4.90
N GLY A 57 29.84 6.99 -5.03
CA GLY A 57 29.65 5.98 -4.00
C GLY A 57 28.30 5.29 -3.97
N VAL A 58 27.33 5.74 -4.76
CA VAL A 58 25.99 5.17 -4.66
C VAL A 58 25.96 3.85 -5.40
N PRO A 59 25.65 2.74 -4.73
CA PRO A 59 25.72 1.42 -5.38
C PRO A 59 24.76 1.29 -6.55
N SER A 60 25.02 0.28 -7.38
CA SER A 60 24.27 0.05 -8.62
C SER A 60 22.80 -0.32 -8.42
N ARG A 61 22.29 -0.43 -7.18
CA ARG A 61 20.90 -0.84 -7.00
C ARG A 61 19.92 0.33 -7.01
N PHE A 62 20.41 1.55 -6.82
CA PHE A 62 19.62 2.78 -6.99
C PHE A 62 19.61 3.20 -8.45
N SER A 63 18.45 3.64 -8.92
N SER A 63 18.45 3.63 -8.93
CA SER A 63 18.30 4.09 -10.28
CA SER A 63 18.29 4.07 -10.30
C SER A 63 17.25 5.18 -10.32
C SER A 63 17.23 5.16 -10.34
N GLY A 64 17.37 6.07 -11.29
CA GLY A 64 16.42 7.17 -11.44
C GLY A 64 16.01 7.31 -12.88
N SER A 65 14.78 7.78 -13.08
CA SER A 65 14.30 8.02 -14.44
C SER A 65 13.29 9.16 -14.47
N ARG A 66 13.10 9.69 -15.68
CA ARG A 66 12.15 10.73 -16.03
C ARG A 66 11.26 10.31 -17.20
N SER A 67 9.99 10.66 -17.10
CA SER A 67 9.08 10.68 -18.24
C SER A 67 8.29 11.99 -18.17
N GLY A 68 8.64 12.92 -19.04
CA GLY A 68 8.07 14.25 -19.00
C GLY A 68 8.22 14.93 -17.64
N THR A 69 7.13 14.96 -16.89
CA THR A 69 7.05 15.62 -15.59
C THR A 69 7.25 14.68 -14.39
N ASP A 70 7.05 13.38 -14.56
CA ASP A 70 7.17 12.43 -13.46
C ASP A 70 8.61 11.98 -13.31
N PHE A 71 9.09 11.94 -12.07
CA PHE A 71 10.42 11.42 -11.79
C PHE A 71 10.32 10.25 -10.82
N THR A 72 11.15 9.22 -11.05
CA THR A 72 11.08 7.97 -10.31
C THR A 72 12.45 7.58 -9.80
N LEU A 73 12.53 7.19 -8.54
CA LEU A 73 13.70 6.52 -7.96
C LEU A 73 13.34 5.09 -7.60
N THR A 74 14.12 4.14 -8.08
CA THR A 74 13.91 2.72 -7.83
C THR A 74 15.12 2.14 -7.12
N ILE A 75 14.87 1.30 -6.12
CA ILE A 75 15.87 0.40 -5.55
C ILE A 75 15.46 -1.01 -5.96
N SER A 76 16.41 -1.76 -6.54
CA SER A 76 16.05 -3.07 -7.09
C SER A 76 15.79 -4.09 -5.99
N SER A 77 16.63 -4.08 -4.96
CA SER A 77 16.44 -4.97 -3.80
C SER A 77 16.77 -4.16 -2.56
N LEU A 78 15.75 -3.83 -1.79
CA LEU A 78 15.95 -3.13 -0.53
C LEU A 78 16.95 -3.90 0.32
N GLN A 79 18.01 -3.20 0.73
CA GLN A 79 18.97 -3.70 1.67
C GLN A 79 18.81 -2.98 3.00
N PRO A 80 19.17 -3.60 4.12
CA PRO A 80 18.95 -2.95 5.42
C PRO A 80 19.60 -1.58 5.51
N GLU A 81 20.77 -1.38 4.89
CA GLU A 81 21.37 -0.05 4.88
C GLU A 81 20.56 0.98 4.10
N ASP A 82 19.40 0.60 3.53
CA ASP A 82 18.59 1.49 2.73
C ASP A 82 17.38 2.06 3.45
N PHE A 83 17.11 1.63 4.68
CA PHE A 83 16.09 2.29 5.50
C PHE A 83 16.48 3.75 5.73
N ALA A 84 15.62 4.67 5.27
CA ALA A 84 15.86 6.10 5.40
C ALA A 84 14.67 6.88 4.86
N THR A 85 14.75 8.21 4.86
CA THR A 85 13.77 9.04 4.19
C THR A 85 14.36 9.56 2.89
N TYR A 86 13.55 9.60 1.83
CA TYR A 86 14.03 10.00 0.51
C TYR A 86 13.28 11.24 0.03
N TYR A 87 14.04 12.18 -0.56
CA TYR A 87 13.51 13.47 -1.02
C TYR A 87 13.87 13.71 -2.47
N CYS A 88 12.89 14.12 -3.27
CA CYS A 88 13.14 14.64 -4.62
C CYS A 88 13.42 16.14 -4.51
N GLN A 89 14.11 16.68 -5.50
CA GLN A 89 14.41 18.13 -5.49
C GLN A 89 14.45 18.62 -6.93
N GLN A 90 13.90 19.81 -7.20
CA GLN A 90 14.16 20.46 -8.48
C GLN A 90 15.20 21.56 -8.25
N TYR A 91 16.21 21.57 -9.12
CA TYR A 91 17.19 22.65 -9.17
C TYR A 91 17.08 23.38 -10.51
N TYR A 92 15.90 23.32 -11.11
CA TYR A 92 15.67 24.02 -12.38
C TYR A 92 15.82 25.53 -12.20
N TYR A 93 15.13 26.10 -11.22
CA TYR A 93 15.23 27.52 -10.92
C TYR A 93 14.57 27.80 -9.58
N ALA A 94 14.99 28.91 -8.98
CA ALA A 94 14.49 29.31 -7.68
C ALA A 94 13.08 29.88 -7.81
N PRO A 95 12.23 29.71 -6.79
CA PRO A 95 12.50 29.07 -5.49
C PRO A 95 12.67 27.55 -5.59
N ILE A 96 13.71 27.07 -4.90
CA ILE A 96 14.03 25.66 -4.89
C ILE A 96 12.97 24.92 -4.08
N THR A 97 12.66 23.70 -4.51
CA THR A 97 11.56 22.93 -3.94
C THR A 97 12.02 21.50 -3.76
N PHE A 98 11.74 20.95 -2.57
CA PHE A 98 11.87 19.52 -2.29
C PHE A 98 10.50 18.90 -2.17
N GLY A 99 10.35 17.65 -2.60
CA GLY A 99 9.14 16.90 -2.27
C GLY A 99 9.05 16.59 -0.78
N GLN A 100 7.87 16.17 -0.35
CA GLN A 100 7.59 16.03 1.08
C GLN A 100 8.37 14.89 1.75
N GLY A 101 9.04 14.04 0.98
CA GLY A 101 9.78 12.95 1.57
C GLY A 101 9.02 11.63 1.50
N THR A 102 9.76 10.52 1.50
CA THR A 102 9.20 9.17 1.58
C THR A 102 10.04 8.38 2.57
N LYS A 103 9.40 7.91 3.64
N LYS A 103 9.39 7.90 3.63
CA LYS A 103 10.06 7.10 4.64
CA LYS A 103 10.08 7.11 4.64
C LYS A 103 9.93 5.63 4.25
C LYS A 103 9.94 5.63 4.28
N VAL A 104 11.06 4.99 3.97
CA VAL A 104 11.09 3.59 3.60
C VAL A 104 11.40 2.81 4.87
N GLU A 105 10.50 1.91 5.23
CA GLU A 105 10.68 1.07 6.41
C GLU A 105 10.60 -0.38 5.97
N ILE A 106 11.31 -1.22 6.66
CA ILE A 106 11.47 -2.56 6.18
C ILE A 106 10.33 -3.42 6.74
N LYS A 107 10.00 -4.48 6.01
CA LYS A 107 8.95 -5.37 6.44
C LYS A 107 9.56 -6.48 7.29
N ARG A 108 8.71 -7.13 8.09
CA ARG A 108 9.17 -8.07 9.09
C ARG A 108 7.97 -8.89 9.52
N THR A 109 8.21 -9.97 10.27
CA THR A 109 7.10 -10.77 10.76
C THR A 109 6.50 -10.13 12.00
N VAL A 110 5.30 -10.58 12.36
CA VAL A 110 4.58 -9.98 13.50
C VAL A 110 5.24 -10.39 14.80
N ALA A 111 5.43 -9.42 15.70
CA ALA A 111 6.00 -9.68 17.01
C ALA A 111 5.18 -8.93 18.05
N ALA A 112 4.66 -9.65 19.03
CA ALA A 112 3.89 -9.01 20.09
C ALA A 112 4.82 -8.22 21.01
N PRO A 113 4.33 -7.10 21.57
CA PRO A 113 5.15 -6.38 22.54
C PRO A 113 5.22 -7.13 23.87
N SER A 114 6.36 -7.00 24.52
CA SER A 114 6.43 -7.27 25.95
C SER A 114 6.01 -5.99 26.65
N VAL A 115 5.17 -6.11 27.67
CA VAL A 115 4.61 -4.95 28.35
C VAL A 115 5.18 -4.87 29.75
N PHE A 116 5.60 -3.67 30.15
CA PHE A 116 6.03 -3.38 31.52
C PHE A 116 5.36 -2.09 31.97
N ILE A 117 5.06 -2.00 33.26
CA ILE A 117 4.47 -0.80 33.83
C ILE A 117 5.37 -0.31 34.96
N PHE A 118 5.50 1.02 35.08
CA PHE A 118 6.38 1.63 36.08
C PHE A 118 5.61 2.66 36.90
N PRO A 119 5.41 2.43 38.19
CA PRO A 119 4.77 3.46 39.03
C PRO A 119 5.71 4.64 39.23
N PRO A 120 5.20 5.76 39.77
CA PRO A 120 6.07 6.94 39.94
C PRO A 120 7.13 6.69 41.01
N SER A 121 8.32 7.22 40.76
CA SER A 121 9.38 7.13 41.74
C SER A 121 9.02 7.93 42.98
N ASP A 122 9.59 7.53 44.11
CA ASP A 122 9.35 8.27 45.34
C ASP A 122 9.96 9.68 45.27
N SER A 123 11.08 9.84 44.57
CA SER A 123 11.63 11.18 44.44
C SER A 123 10.75 12.10 43.58
N GLN A 124 10.06 11.54 42.57
CA GLN A 124 9.16 12.41 41.82
C GLN A 124 7.97 12.84 42.66
N LEU A 125 7.38 11.92 43.43
CA LEU A 125 6.24 12.29 44.27
C LEU A 125 6.62 13.39 45.25
N LYS A 126 7.83 13.35 45.80
CA LYS A 126 8.32 14.43 46.65
C LYS A 126 8.39 15.74 45.90
N SER A 127 8.60 15.70 44.58
CA SER A 127 8.64 16.93 43.79
C SER A 127 7.27 17.49 43.48
N GLY A 128 6.22 16.68 43.64
CA GLY A 128 4.86 17.15 43.44
C GLY A 128 4.11 16.52 42.27
N THR A 129 4.76 15.76 41.40
CA THR A 129 4.06 15.16 40.27
C THR A 129 4.23 13.65 40.27
N ALA A 130 3.46 13.00 39.40
CA ALA A 130 3.46 11.55 39.28
C ALA A 130 3.38 11.18 37.81
N SER A 131 4.36 10.41 37.33
CA SER A 131 4.36 9.88 35.97
C SER A 131 4.32 8.36 36.05
N VAL A 132 3.31 7.75 35.43
CA VAL A 132 3.22 6.31 35.30
C VAL A 132 3.60 5.96 33.87
N VAL A 133 4.48 4.98 33.71
CA VAL A 133 5.04 4.66 32.40
C VAL A 133 4.65 3.24 32.04
N CYS A 134 4.09 3.08 30.84
CA CYS A 134 3.83 1.79 30.24
C CYS A 134 4.83 1.59 29.10
N LEU A 135 5.54 0.47 29.09
CA LEU A 135 6.54 0.20 28.06
C LEU A 135 6.09 -1.01 27.23
N LEU A 136 6.03 -0.82 25.92
CA LEU A 136 5.82 -1.90 24.96
C LEU A 136 7.13 -2.06 24.22
N ASN A 137 7.80 -3.20 24.43
CA ASN A 137 9.17 -3.33 23.99
C ASN A 137 9.26 -4.33 22.84
N ASN A 138 9.97 -3.94 21.78
CA ASN A 138 10.31 -4.79 20.64
C ASN A 138 9.09 -5.48 20.06
N PHE A 139 8.31 -4.76 19.24
CA PHE A 139 7.12 -5.32 18.59
C PHE A 139 7.09 -4.86 17.13
N TYR A 140 6.24 -5.52 16.34
CA TYR A 140 6.02 -5.19 14.93
C TYR A 140 4.67 -5.75 14.51
N PRO A 141 3.85 -5.00 13.76
CA PRO A 141 4.09 -3.68 13.16
C PRO A 141 3.92 -2.56 14.16
N ARG A 142 4.13 -1.30 13.73
CA ARG A 142 4.13 -0.18 14.66
C ARG A 142 2.75 0.08 15.27
N GLU A 143 1.68 -0.19 14.53
CA GLU A 143 0.34 0.05 15.03
C GLU A 143 0.10 -0.75 16.30
N ALA A 144 -0.46 -0.09 17.30
CA ALA A 144 -0.69 -0.66 18.62
C ALA A 144 -1.56 0.30 19.39
N LYS A 145 -2.48 -0.25 20.17
CA LYS A 145 -3.39 0.55 20.97
C LYS A 145 -3.01 0.35 22.42
N VAL A 146 -2.73 1.45 23.11
CA VAL A 146 -2.50 1.48 24.53
C VAL A 146 -3.62 2.29 25.16
N GLN A 147 -4.25 1.74 26.19
CA GLN A 147 -5.36 2.40 26.87
C GLN A 147 -5.09 2.37 28.37
N TRP A 148 -5.20 3.54 29.02
CA TRP A 148 -5.04 3.65 30.46
C TRP A 148 -6.39 3.43 31.16
N LYS A 149 -6.35 2.74 32.30
CA LYS A 149 -7.49 2.57 33.17
C LYS A 149 -7.06 2.86 34.61
N VAL A 150 -7.79 3.73 35.29
CA VAL A 150 -7.51 4.01 36.69
C VAL A 150 -8.79 3.73 37.47
N ASP A 151 -8.65 2.89 38.51
CA ASP A 151 -9.80 2.32 39.21
C ASP A 151 -10.77 1.70 38.20
N ASN A 152 -10.19 1.03 37.19
CA ASN A 152 -10.93 0.43 36.09
C ASN A 152 -11.86 1.43 35.40
N ALA A 153 -11.39 2.66 35.22
CA ALA A 153 -12.10 3.67 34.44
C ALA A 153 -11.20 4.13 33.30
N LEU A 154 -11.70 4.04 32.07
CA LEU A 154 -10.92 4.44 30.89
C LEU A 154 -10.58 5.92 30.98
N GLN A 155 -9.33 6.25 30.67
CA GLN A 155 -8.86 7.61 30.80
C GLN A 155 -8.77 8.26 29.43
N SER A 156 -8.72 9.59 29.41
CA SER A 156 -8.62 10.29 28.15
C SER A 156 -7.97 11.65 28.36
N GLY A 157 -7.07 12.01 27.44
CA GLY A 157 -6.47 13.32 27.45
C GLY A 157 -5.49 13.54 28.58
N ASN A 158 -4.75 12.50 28.96
CA ASN A 158 -3.73 12.67 30.00
C ASN A 158 -2.50 11.80 29.75
N SER A 159 -2.35 11.20 28.58
CA SER A 159 -1.20 10.35 28.28
C SER A 159 -0.59 10.70 26.93
N GLN A 160 0.73 10.56 26.85
CA GLN A 160 1.51 10.85 25.64
C GLN A 160 2.35 9.63 25.29
N GLU A 161 2.43 9.32 23.99
CA GLU A 161 3.22 8.20 23.51
C GLU A 161 4.45 8.70 22.77
N SER A 162 5.54 7.94 22.87
CA SER A 162 6.70 8.15 22.03
C SER A 162 7.13 6.81 21.48
N VAL A 163 7.57 6.79 20.21
CA VAL A 163 7.95 5.55 19.54
C VAL A 163 9.39 5.65 19.04
N THR A 164 10.14 4.56 19.15
CA THR A 164 11.49 4.62 18.65
C THR A 164 11.49 4.45 17.14
N GLU A 165 12.59 4.84 16.52
CA GLU A 165 12.80 4.48 15.13
C GLU A 165 13.05 2.99 15.02
N GLN A 166 12.69 2.42 13.87
CA GLN A 166 12.92 1.00 13.66
C GLN A 166 14.36 0.65 13.99
N ASP A 167 14.55 -0.50 14.64
CA ASP A 167 15.87 -0.91 15.09
C ASP A 167 16.68 -1.50 13.94
N SER A 168 18.01 -1.39 14.03
CA SER A 168 18.86 -1.82 12.93
C SER A 168 19.07 -3.33 12.93
N LYS A 169 19.04 -3.98 14.10
CA LYS A 169 19.26 -5.43 14.19
C LYS A 169 17.97 -6.19 13.91
N ASP A 170 17.00 -6.10 14.83
CA ASP A 170 15.78 -6.88 14.74
C ASP A 170 14.65 -6.15 14.03
N SER A 171 14.82 -4.86 13.73
CA SER A 171 13.89 -4.12 12.88
C SER A 171 12.49 -4.02 13.50
N THR A 172 12.42 -3.91 14.82
CA THR A 172 11.19 -3.78 15.59
C THR A 172 11.04 -2.35 16.11
N TYR A 173 9.92 -2.10 16.80
CA TYR A 173 9.63 -0.83 17.42
C TYR A 173 9.49 -1.02 18.93
N SER A 174 9.70 0.06 19.66
CA SER A 174 9.33 0.12 21.06
C SER A 174 8.53 1.40 21.27
N LEU A 175 7.63 1.36 22.23
CA LEU A 175 6.75 2.47 22.52
C LEU A 175 6.67 2.65 24.03
N SER A 176 6.65 3.91 24.45
CA SER A 176 6.33 4.30 25.83
C SER A 176 5.04 5.09 25.81
N SER A 177 4.19 4.81 26.78
CA SER A 177 3.00 5.62 27.04
C SER A 177 3.10 6.10 28.49
N THR A 178 2.94 7.39 28.68
CA THR A 178 3.21 8.02 29.97
C THR A 178 2.00 8.80 30.42
N LEU A 179 1.46 8.41 31.57
CA LEU A 179 0.39 9.10 32.26
C LEU A 179 1.03 10.01 33.32
N THR A 180 0.80 11.31 33.23
CA THR A 180 1.40 12.24 34.17
C THR A 180 0.30 13.04 34.88
N LEU A 181 0.34 13.02 36.21
CA LEU A 181 -0.64 13.70 37.05
C LEU A 181 0.06 14.43 38.18
N SER A 182 -0.65 15.41 38.75
CA SER A 182 -0.20 16.00 40.01
C SER A 182 -0.20 14.93 41.10
N LYS A 183 0.59 15.18 42.15
CA LYS A 183 0.65 14.23 43.25
C LYS A 183 -0.72 14.05 43.90
N ALA A 184 -1.45 15.15 44.13
CA ALA A 184 -2.79 15.03 44.68
C ALA A 184 -3.68 14.17 43.81
N ASP A 185 -3.69 14.43 42.50
CA ASP A 185 -4.53 13.68 41.58
C ASP A 185 -4.12 12.21 41.51
N TYR A 186 -2.83 11.93 41.67
CA TYR A 186 -2.35 10.54 41.63
C TYR A 186 -2.84 9.76 42.84
N GLU A 187 -2.73 10.33 44.04
CA GLU A 187 -3.17 9.63 45.25
C GLU A 187 -4.69 9.54 45.38
N LYS A 188 -5.43 10.12 44.45
CA LYS A 188 -6.88 10.05 44.58
C LYS A 188 -7.44 8.76 43.99
N HIS A 189 -6.61 7.93 43.39
CA HIS A 189 -7.01 6.61 42.90
C HIS A 189 -6.10 5.54 43.49
N LYS A 190 -6.52 4.29 43.35
CA LYS A 190 -5.76 3.18 43.90
C LYS A 190 -4.97 2.41 42.84
N VAL A 191 -5.59 2.08 41.72
CA VAL A 191 -5.04 1.12 40.76
C VAL A 191 -4.83 1.79 39.40
N TYR A 192 -3.64 1.63 38.85
CA TYR A 192 -3.28 2.17 37.56
C TYR A 192 -2.91 1.02 36.63
N ALA A 193 -3.57 0.97 35.47
CA ALA A 193 -3.39 -0.12 34.53
C ALA A 193 -3.30 0.42 33.11
N CYS A 194 -2.45 -0.23 32.31
CA CYS A 194 -2.39 0.00 30.89
C CYS A 194 -2.73 -1.30 30.18
N GLU A 195 -3.67 -1.23 29.24
CA GLU A 195 -4.10 -2.35 28.43
C GLU A 195 -3.54 -2.17 27.03
N VAL A 196 -2.95 -3.23 26.49
CA VAL A 196 -2.24 -3.19 25.22
C VAL A 196 -2.91 -4.16 24.27
N THR A 197 -3.34 -3.66 23.12
CA THR A 197 -3.80 -4.49 22.02
C THR A 197 -2.82 -4.40 20.88
N HIS A 198 -2.50 -5.54 20.28
CA HIS A 198 -1.55 -5.56 19.19
C HIS A 198 -1.77 -6.83 18.38
N GLN A 199 -1.38 -6.75 17.10
CA GLN A 199 -1.52 -7.87 16.17
C GLN A 199 -0.99 -9.17 16.75
N GLY A 200 0.14 -9.11 17.44
CA GLY A 200 0.80 -10.31 17.94
C GLY A 200 0.18 -10.92 19.18
N LEU A 201 -0.76 -10.23 19.84
CA LEU A 201 -1.38 -10.73 21.06
C LEU A 201 -2.77 -11.26 20.75
N SER A 202 -3.01 -12.52 21.12
CA SER A 202 -4.32 -13.13 20.89
C SER A 202 -5.43 -12.46 21.71
N SER A 203 -5.08 -11.83 22.82
CA SER A 203 -6.02 -11.03 23.60
C SER A 203 -5.23 -9.86 24.18
N PRO A 204 -5.92 -8.77 24.55
CA PRO A 204 -5.18 -7.61 25.08
C PRO A 204 -4.50 -7.94 26.40
N VAL A 205 -3.28 -7.43 26.54
CA VAL A 205 -2.47 -7.66 27.74
C VAL A 205 -2.62 -6.44 28.65
N THR A 206 -2.85 -6.69 29.95
CA THR A 206 -2.99 -5.64 30.94
C THR A 206 -1.88 -5.75 31.97
N LYS A 207 -1.19 -4.65 32.24
CA LYS A 207 -0.27 -4.53 33.36
C LYS A 207 -0.86 -3.50 34.31
N SER A 208 -0.94 -3.85 35.60
CA SER A 208 -1.53 -2.97 36.59
C SER A 208 -0.74 -3.05 37.88
N PHE A 209 -0.93 -2.03 38.72
CA PHE A 209 -0.39 -2.01 40.07
C PHE A 209 -1.32 -1.20 40.95
N ASN A 210 -1.31 -1.52 42.24
CA ASN A 210 -2.06 -0.80 43.25
C ASN A 210 -1.13 0.19 43.93
N ARG A 211 -1.55 1.47 43.94
CA ARG A 211 -0.67 2.58 44.33
C ARG A 211 0.02 2.38 45.67
N GLY A 212 -0.61 1.70 46.61
CA GLY A 212 -0.01 1.54 47.93
C GLY A 212 0.39 0.13 48.32
N GLU A 213 1.01 -0.62 47.40
CA GLU A 213 1.44 -1.98 47.71
C GLU A 213 2.96 -2.15 47.60
N ASP B 1 11.68 -25.15 -14.64
CA ASP B 1 10.41 -24.42 -14.60
C ASP B 1 10.67 -23.00 -14.12
N ILE B 2 10.20 -22.04 -14.90
CA ILE B 2 10.26 -20.64 -14.55
C ILE B 2 9.05 -20.31 -13.68
N GLN B 3 9.32 -19.64 -12.55
CA GLN B 3 8.29 -19.00 -11.76
C GLN B 3 8.28 -17.50 -12.07
N MET B 4 7.09 -16.92 -12.09
CA MET B 4 6.86 -15.50 -12.34
C MET B 4 6.16 -14.96 -11.11
N THR B 5 6.89 -14.18 -10.28
CA THR B 5 6.38 -13.69 -9.00
C THR B 5 5.96 -12.23 -9.19
N GLN B 6 4.65 -12.01 -9.27
CA GLN B 6 4.07 -10.73 -9.58
C GLN B 6 3.50 -10.08 -8.31
N SER B 7 3.73 -8.77 -8.17
CA SER B 7 3.35 -8.06 -6.97
C SER B 7 3.01 -6.62 -7.31
N PRO B 8 2.09 -6.00 -6.56
CA PRO B 8 1.24 -6.58 -5.52
C PRO B 8 0.12 -7.39 -6.16
N SER B 9 -0.64 -8.17 -5.37
CA SER B 9 -1.77 -8.88 -5.93
C SER B 9 -2.96 -7.97 -6.19
N SER B 10 -3.00 -6.79 -5.55
CA SER B 10 -4.08 -5.84 -5.74
C SER B 10 -3.60 -4.47 -5.26
N LEU B 11 -4.14 -3.41 -5.86
CA LEU B 11 -3.83 -2.06 -5.44
C LEU B 11 -4.98 -1.15 -5.82
N SER B 12 -5.12 -0.06 -5.06
CA SER B 12 -6.10 0.98 -5.34
C SER B 12 -5.37 2.29 -5.65
N ALA B 13 -5.86 3.04 -6.64
CA ALA B 13 -5.22 4.29 -6.96
C ALA B 13 -6.20 5.21 -7.67
N SER B 14 -5.96 6.52 -7.53
CA SER B 14 -6.87 7.52 -8.04
C SER B 14 -6.59 7.77 -9.52
N VAL B 15 -7.62 8.27 -10.21
CA VAL B 15 -7.49 8.61 -11.62
C VAL B 15 -6.42 9.68 -11.76
N GLY B 16 -5.48 9.47 -12.68
CA GLY B 16 -4.34 10.36 -12.83
C GLY B 16 -3.10 9.94 -12.08
N ASP B 17 -3.20 8.96 -11.18
CA ASP B 17 -2.05 8.51 -10.42
C ASP B 17 -1.20 7.56 -11.25
N ARG B 18 0.11 7.58 -10.99
N ARG B 18 0.11 7.59 -11.01
CA ARG B 18 1.05 6.67 -11.65
CA ARG B 18 1.05 6.67 -11.64
C ARG B 18 1.07 5.33 -10.94
C ARG B 18 1.02 5.32 -10.93
N VAL B 19 0.94 4.23 -11.69
CA VAL B 19 0.87 2.88 -11.12
C VAL B 19 1.95 1.99 -11.72
N THR B 20 2.55 1.16 -10.87
CA THR B 20 3.68 0.29 -11.23
C THR B 20 3.43 -1.12 -10.71
N ILE B 21 3.49 -2.10 -11.60
CA ILE B 21 3.37 -3.50 -11.23
C ILE B 21 4.67 -4.18 -11.63
N THR B 22 5.18 -5.04 -10.75
CA THR B 22 6.41 -5.74 -11.07
C THR B 22 6.20 -7.24 -11.06
N CYS B 23 7.08 -7.92 -11.79
CA CYS B 23 7.07 -9.36 -11.93
C CYS B 23 8.52 -9.83 -11.88
N ARG B 24 8.82 -10.72 -10.93
CA ARG B 24 10.18 -11.21 -10.74
C ARG B 24 10.27 -12.64 -11.25
N ALA B 25 11.16 -12.87 -12.19
CA ALA B 25 11.28 -14.22 -12.71
C ALA B 25 12.23 -15.02 -11.82
N SER B 26 12.10 -16.34 -11.87
CA SER B 26 12.96 -17.19 -11.06
C SER B 26 14.31 -17.43 -11.70
N GLN B 27 14.45 -17.12 -12.99
CA GLN B 27 15.70 -17.31 -13.71
C GLN B 27 15.65 -16.44 -14.95
N SER B 28 16.78 -16.38 -15.65
CA SER B 28 16.85 -15.54 -16.84
C SER B 28 15.80 -15.96 -17.86
N VAL B 29 14.95 -15.00 -18.24
CA VAL B 29 14.04 -15.17 -19.35
C VAL B 29 14.39 -14.23 -20.49
N SER B 30 15.59 -13.64 -20.45
CA SER B 30 16.07 -12.64 -21.41
C SER B 30 15.03 -11.52 -21.42
N SER B 31 14.53 -11.08 -22.57
CA SER B 31 13.47 -10.09 -22.65
C SER B 31 12.16 -10.70 -23.13
N ALA B 32 12.02 -12.02 -22.99
CA ALA B 32 10.89 -12.77 -23.56
C ALA B 32 9.71 -12.75 -22.59
N VAL B 33 9.17 -11.55 -22.38
CA VAL B 33 8.11 -11.30 -21.40
C VAL B 33 6.99 -10.49 -22.05
N ALA B 34 5.76 -10.84 -21.73
CA ALA B 34 4.59 -10.12 -22.19
C ALA B 34 3.74 -9.72 -21.00
N TRP B 35 2.93 -8.69 -21.20
CA TRP B 35 1.96 -8.25 -20.22
C TRP B 35 0.59 -8.25 -20.85
N TYR B 36 -0.42 -8.69 -20.11
CA TYR B 36 -1.79 -8.76 -20.59
C TYR B 36 -2.72 -8.03 -19.64
N GLN B 37 -3.85 -7.59 -20.18
CA GLN B 37 -4.91 -6.95 -19.40
C GLN B 37 -6.19 -7.77 -19.50
N GLN B 38 -6.82 -8.05 -18.35
CA GLN B 38 -8.12 -8.72 -18.33
C GLN B 38 -9.15 -7.94 -17.55
N LYS B 39 -10.24 -7.53 -18.24
CA LYS B 39 -11.40 -6.92 -17.62
C LYS B 39 -12.42 -8.00 -17.28
N PRO B 40 -13.19 -7.77 -16.22
CA PRO B 40 -14.15 -8.79 -15.75
C PRO B 40 -15.03 -9.33 -16.85
N GLY B 41 -15.03 -10.66 -17.00
CA GLY B 41 -15.87 -11.34 -17.97
C GLY B 41 -15.33 -11.33 -19.38
N LYS B 42 -14.09 -10.89 -19.60
CA LYS B 42 -13.54 -10.73 -20.93
C LYS B 42 -12.25 -11.53 -21.08
N ALA B 43 -11.87 -11.75 -22.34
CA ALA B 43 -10.61 -12.40 -22.67
C ALA B 43 -9.47 -11.43 -22.45
N PRO B 44 -8.28 -11.92 -22.13
CA PRO B 44 -7.14 -11.03 -21.95
C PRO B 44 -6.78 -10.35 -23.27
N LYS B 45 -6.12 -9.20 -23.16
CA LYS B 45 -5.66 -8.42 -24.29
C LYS B 45 -4.17 -8.22 -24.15
N LEU B 46 -3.41 -8.49 -25.22
CA LEU B 46 -1.98 -8.26 -25.13
C LEU B 46 -1.69 -6.76 -25.09
N LEU B 47 -0.87 -6.35 -24.14
N LEU B 47 -0.88 -6.35 -24.12
CA LEU B 47 -0.51 -4.94 -23.96
CA LEU B 47 -0.51 -4.95 -23.92
C LEU B 47 0.95 -4.67 -24.25
C LEU B 47 0.95 -4.69 -24.28
N ILE B 48 1.87 -5.55 -23.83
CA ILE B 48 3.30 -5.33 -24.02
C ILE B 48 3.97 -6.66 -24.30
N TYR B 49 4.93 -6.66 -25.21
CA TYR B 49 5.75 -7.83 -25.51
C TYR B 49 7.21 -7.41 -25.53
N SER B 50 8.08 -8.43 -25.59
CA SER B 50 9.51 -8.18 -25.62
C SER B 50 9.91 -7.16 -24.55
N ALA B 51 9.29 -7.33 -23.37
CA ALA B 51 9.46 -6.53 -22.16
C ALA B 51 8.97 -5.09 -22.27
N SER B 52 9.18 -4.44 -23.41
CA SER B 52 8.97 -2.99 -23.47
C SER B 52 8.36 -2.51 -24.78
N SER B 53 7.80 -3.40 -25.59
CA SER B 53 7.17 -2.99 -26.84
C SER B 53 5.66 -2.93 -26.67
N LEU B 54 5.06 -1.82 -27.09
CA LEU B 54 3.62 -1.66 -27.00
C LEU B 54 2.95 -2.33 -28.18
N TYR B 55 1.97 -3.19 -27.90
CA TYR B 55 1.28 -3.89 -28.96
C TYR B 55 0.32 -2.95 -29.67
N SER B 56 -0.39 -3.51 -30.66
CA SER B 56 -1.18 -2.71 -31.59
C SER B 56 -2.35 -2.04 -30.88
N GLY B 57 -2.35 -0.71 -30.86
CA GLY B 57 -3.43 0.06 -30.28
C GLY B 57 -3.27 0.44 -28.83
N VAL B 58 -2.29 -0.10 -28.11
CA VAL B 58 -2.23 0.19 -26.68
C VAL B 58 -1.82 1.64 -26.47
N PRO B 59 -2.57 2.42 -25.71
CA PRO B 59 -2.25 3.85 -25.56
C PRO B 59 -0.89 4.07 -24.94
N SER B 60 -0.36 5.28 -25.14
CA SER B 60 1.00 5.58 -24.74
C SER B 60 1.19 5.64 -23.22
N ARG B 61 0.12 5.62 -22.43
CA ARG B 61 0.29 5.78 -20.98
C ARG B 61 0.79 4.49 -20.32
N PHE B 62 0.67 3.36 -21.00
CA PHE B 62 1.29 2.11 -20.60
C PHE B 62 2.74 2.05 -21.06
N SER B 63 3.63 1.57 -20.19
CA SER B 63 5.01 1.34 -20.57
C SER B 63 5.52 0.12 -19.81
N GLY B 64 6.57 -0.49 -20.34
CA GLY B 64 7.15 -1.66 -19.71
C GLY B 64 8.66 -1.57 -19.78
N SER B 65 9.32 -2.19 -18.79
CA SER B 65 10.77 -2.15 -18.73
C SER B 65 11.29 -3.42 -18.06
N ARG B 66 12.56 -3.72 -18.34
CA ARG B 66 13.31 -4.83 -17.76
C ARG B 66 14.61 -4.35 -17.10
N SER B 67 14.91 -4.93 -15.94
CA SER B 67 16.21 -4.83 -15.30
C SER B 67 16.60 -6.24 -14.85
N GLY B 68 17.46 -6.88 -15.64
CA GLY B 68 17.82 -8.27 -15.41
C GLY B 68 16.62 -9.19 -15.35
N THR B 69 16.27 -9.61 -14.14
CA THR B 69 15.20 -10.56 -13.89
C THR B 69 13.87 -9.89 -13.54
N ASP B 70 13.88 -8.60 -13.22
CA ASP B 70 12.70 -7.87 -12.80
C ASP B 70 12.04 -7.21 -14.01
N PHE B 71 10.71 -7.31 -14.08
CA PHE B 71 9.95 -6.65 -15.13
C PHE B 71 8.84 -5.79 -14.55
N THR B 72 8.69 -4.58 -15.09
CA THR B 72 7.75 -3.59 -14.57
C THR B 72 6.81 -3.13 -15.66
N LEU B 73 5.51 -3.12 -15.36
CA LEU B 73 4.48 -2.48 -16.16
C LEU B 73 4.06 -1.20 -15.45
N THR B 74 4.03 -0.09 -16.20
CA THR B 74 3.74 1.22 -15.65
C THR B 74 2.63 1.87 -16.45
N ILE B 75 1.62 2.41 -15.76
CA ILE B 75 0.68 3.35 -16.33
C ILE B 75 1.02 4.72 -15.78
N SER B 76 1.22 5.69 -16.68
CA SER B 76 1.65 7.01 -16.25
C SER B 76 0.53 7.77 -15.54
N SER B 77 -0.71 7.62 -16.03
CA SER B 77 -1.86 8.32 -15.48
C SER B 77 -3.03 7.34 -15.53
N LEU B 78 -3.35 6.74 -14.38
CA LEU B 78 -4.50 5.83 -14.32
C LEU B 78 -5.74 6.51 -14.90
N GLN B 79 -6.31 5.89 -15.93
CA GLN B 79 -7.58 6.26 -16.50
C GLN B 79 -8.65 5.24 -16.10
N PRO B 80 -9.94 5.64 -16.07
CA PRO B 80 -10.97 4.72 -15.57
C PRO B 80 -11.12 3.45 -16.38
N GLU B 81 -10.87 3.51 -17.70
CA GLU B 81 -10.87 2.28 -18.49
C GLU B 81 -9.74 1.33 -18.12
N ASP B 82 -8.85 1.72 -17.20
CA ASP B 82 -7.75 0.85 -16.80
C ASP B 82 -8.06 -0.03 -15.61
N PHE B 83 -9.21 0.14 -14.95
CA PHE B 83 -9.66 -0.85 -13.99
C PHE B 83 -9.66 -2.23 -14.64
N ALA B 84 -8.79 -3.12 -14.19
CA ALA B 84 -8.64 -4.44 -14.80
C ALA B 84 -7.65 -5.29 -14.00
N THR B 85 -7.47 -6.54 -14.41
CA THR B 85 -6.46 -7.42 -13.82
C THR B 85 -5.32 -7.58 -14.81
N TYR B 86 -4.08 -7.48 -14.31
CA TYR B 86 -2.89 -7.47 -15.14
C TYR B 86 -2.03 -8.70 -14.81
N TYR B 87 -1.58 -9.39 -15.87
CA TYR B 87 -0.75 -10.58 -15.77
C TYR B 87 0.54 -10.40 -16.55
N CYS B 88 1.68 -10.73 -15.93
CA CYS B 88 2.91 -10.92 -16.68
C CYS B 88 2.92 -12.34 -17.24
N GLN B 89 3.77 -12.56 -18.25
CA GLN B 89 3.93 -13.88 -18.85
C GLN B 89 5.37 -13.99 -19.33
N GLN B 90 6.00 -15.12 -19.08
CA GLN B 90 7.23 -15.45 -19.81
C GLN B 90 6.88 -16.37 -20.98
N TYR B 91 7.44 -16.06 -22.14
CA TYR B 91 7.37 -16.95 -23.29
C TYR B 91 8.76 -17.40 -23.71
N TYR B 92 9.69 -17.47 -22.75
CA TYR B 92 11.06 -17.86 -23.04
C TYR B 92 11.16 -19.33 -23.45
N TYR B 93 10.48 -20.21 -22.72
CA TYR B 93 10.35 -21.61 -23.11
C TYR B 93 9.30 -22.30 -22.25
N ALA B 94 8.76 -23.39 -22.79
CA ALA B 94 7.79 -24.20 -22.07
C ALA B 94 8.45 -24.88 -20.88
N PRO B 95 7.73 -25.08 -19.76
CA PRO B 95 6.30 -24.75 -19.53
C PRO B 95 6.06 -23.26 -19.37
N ILE B 96 5.00 -22.77 -19.98
CA ILE B 96 4.69 -21.35 -19.92
C ILE B 96 4.12 -21.00 -18.56
N THR B 97 4.45 -19.79 -18.13
CA THR B 97 4.13 -19.29 -16.80
C THR B 97 3.55 -17.89 -16.89
N PHE B 98 2.43 -17.69 -16.22
CA PHE B 98 1.85 -16.38 -15.98
C PHE B 98 2.06 -16.00 -14.53
N GLY B 99 2.28 -14.70 -14.30
CA GLY B 99 2.21 -14.18 -12.95
C GLY B 99 0.80 -14.31 -12.38
N GLN B 100 0.71 -14.20 -11.06
CA GLN B 100 -0.55 -14.52 -10.41
C GLN B 100 -1.60 -13.44 -10.63
N GLY B 101 -1.21 -12.31 -11.20
CA GLY B 101 -2.16 -11.27 -11.56
C GLY B 101 -2.13 -10.12 -10.58
N THR B 102 -2.54 -8.94 -11.06
CA THR B 102 -2.72 -7.77 -10.21
C THR B 102 -4.03 -7.10 -10.58
N LYS B 103 -4.97 -7.07 -9.63
N LYS B 103 -4.97 -7.07 -9.63
CA LYS B 103 -6.23 -6.38 -9.80
CA LYS B 103 -6.23 -6.38 -9.81
C LYS B 103 -6.08 -4.95 -9.32
C LYS B 103 -6.08 -4.95 -9.32
N VAL B 104 -6.27 -3.99 -10.23
CA VAL B 104 -6.22 -2.57 -9.88
C VAL B 104 -7.66 -2.07 -9.84
N GLU B 105 -8.00 -1.44 -8.73
CA GLU B 105 -9.29 -0.80 -8.53
C GLU B 105 -9.04 0.67 -8.27
N ILE B 106 -9.89 1.50 -8.78
CA ILE B 106 -9.59 2.91 -8.72
C ILE B 106 -10.07 3.44 -7.37
N LYS B 107 -9.36 4.43 -6.83
CA LYS B 107 -9.67 4.93 -5.49
C LYS B 107 -10.79 5.97 -5.56
N ARG B 108 -11.60 6.02 -4.50
CA ARG B 108 -12.71 6.95 -4.38
C ARG B 108 -12.75 7.49 -2.96
N THR B 109 -13.75 8.31 -2.68
CA THR B 109 -14.01 8.83 -1.34
C THR B 109 -15.05 7.97 -0.64
N VAL B 110 -15.14 8.14 0.68
CA VAL B 110 -15.95 7.25 1.50
C VAL B 110 -17.43 7.51 1.25
N ALA B 111 -18.18 6.44 1.00
CA ALA B 111 -19.62 6.50 0.78
C ALA B 111 -20.29 5.47 1.66
N ALA B 112 -21.23 5.93 2.49
CA ALA B 112 -21.96 5.02 3.35
C ALA B 112 -22.93 4.17 2.53
N PRO B 113 -23.22 2.94 2.97
CA PRO B 113 -24.23 2.13 2.28
C PRO B 113 -25.66 2.49 2.66
N SER B 114 -26.55 2.43 1.67
CA SER B 114 -27.98 2.41 1.93
C SER B 114 -28.37 0.95 2.17
N VAL B 115 -29.10 0.69 3.24
CA VAL B 115 -29.38 -0.67 3.66
C VAL B 115 -30.87 -0.95 3.47
N PHE B 116 -31.16 -2.09 2.83
CA PHE B 116 -32.53 -2.56 2.65
C PHE B 116 -32.59 -4.02 3.07
N ILE B 117 -33.67 -4.40 3.73
CA ILE B 117 -33.90 -5.77 4.20
C ILE B 117 -35.18 -6.29 3.57
N PHE B 118 -35.14 -7.53 3.09
CA PHE B 118 -36.28 -8.16 2.43
C PHE B 118 -36.67 -9.43 3.15
N PRO B 119 -37.90 -9.57 3.62
CA PRO B 119 -38.33 -10.82 4.24
C PRO B 119 -38.53 -11.90 3.17
N PRO B 120 -38.63 -13.17 3.58
CA PRO B 120 -38.86 -14.22 2.57
C PRO B 120 -40.25 -14.12 1.95
N SER B 121 -40.32 -14.38 0.65
CA SER B 121 -41.58 -14.28 -0.07
C SER B 121 -42.51 -15.42 0.28
N ASP B 122 -43.82 -15.13 0.22
CA ASP B 122 -44.84 -16.13 0.57
C ASP B 122 -44.65 -17.43 -0.20
N SER B 123 -44.22 -17.33 -1.47
CA SER B 123 -44.06 -18.53 -2.29
C SER B 123 -42.85 -19.37 -1.87
N GLN B 124 -41.85 -18.77 -1.22
CA GLN B 124 -40.72 -19.57 -0.76
C GLN B 124 -41.10 -20.44 0.45
N LEU B 125 -41.88 -19.89 1.40
CA LEU B 125 -42.21 -20.69 2.58
C LEU B 125 -43.07 -21.91 2.22
N LYS B 126 -43.83 -21.84 1.11
CA LYS B 126 -44.54 -23.02 0.66
C LYS B 126 -43.57 -24.09 0.15
N SER B 127 -42.48 -23.66 -0.49
CA SER B 127 -41.45 -24.62 -0.89
C SER B 127 -40.72 -25.22 0.31
N GLY B 128 -40.73 -24.55 1.46
CA GLY B 128 -40.16 -25.08 2.68
C GLY B 128 -38.93 -24.36 3.22
N THR B 129 -38.53 -23.24 2.63
CA THR B 129 -37.33 -22.54 3.05
C THR B 129 -37.61 -21.05 3.20
N ALA B 130 -36.81 -20.41 4.06
CA ALA B 130 -36.90 -18.98 4.31
C ALA B 130 -35.54 -18.34 4.07
N SER B 131 -35.47 -17.43 3.11
CA SER B 131 -34.30 -16.61 2.87
C SER B 131 -34.62 -15.17 3.23
N VAL B 132 -33.81 -14.57 4.10
CA VAL B 132 -33.89 -13.14 4.38
C VAL B 132 -32.63 -12.48 3.82
N VAL B 133 -32.82 -11.35 3.15
CA VAL B 133 -31.76 -10.71 2.38
C VAL B 133 -31.54 -9.30 2.90
N CYS B 134 -30.28 -8.93 3.10
CA CYS B 134 -29.88 -7.58 3.49
C CYS B 134 -29.06 -6.97 2.36
N LEU B 135 -29.45 -5.77 1.93
CA LEU B 135 -28.85 -5.15 0.75
C LEU B 135 -28.11 -3.88 1.16
N LEU B 136 -26.78 -3.86 0.97
CA LEU B 136 -25.96 -2.67 1.15
C LEU B 136 -25.60 -2.13 -0.22
N ASN B 137 -26.14 -0.97 -0.58
CA ASN B 137 -26.04 -0.44 -1.94
C ASN B 137 -25.08 0.75 -1.97
N ASN B 138 -24.16 0.72 -2.93
CA ASN B 138 -23.39 1.89 -3.34
C ASN B 138 -22.60 2.48 -2.17
N PHE B 139 -21.58 1.75 -1.75
CA PHE B 139 -20.72 2.15 -0.64
C PHE B 139 -19.27 1.91 -1.00
N TYR B 140 -18.40 2.78 -0.49
CA TYR B 140 -16.96 2.63 -0.58
C TYR B 140 -16.39 2.91 0.80
N PRO B 141 -15.44 2.11 1.29
CA PRO B 141 -14.76 1.03 0.57
C PRO B 141 -15.39 -0.34 0.76
N ARG B 142 -14.78 -1.35 0.15
CA ARG B 142 -15.36 -2.70 0.07
C ARG B 142 -15.60 -3.28 1.46
N GLU B 143 -14.67 -3.07 2.38
CA GLU B 143 -14.79 -3.63 3.71
C GLU B 143 -16.02 -3.08 4.41
N ALA B 144 -16.76 -3.98 5.06
CA ALA B 144 -17.99 -3.67 5.78
C ALA B 144 -18.36 -4.88 6.62
N LYS B 145 -19.00 -4.64 7.74
CA LYS B 145 -19.40 -5.70 8.66
C LYS B 145 -20.91 -5.76 8.68
N VAL B 146 -21.46 -6.93 8.35
CA VAL B 146 -22.89 -7.15 8.38
C VAL B 146 -23.17 -8.27 9.37
N GLN B 147 -24.00 -7.98 10.36
CA GLN B 147 -24.33 -8.92 11.41
C GLN B 147 -25.80 -9.23 11.35
N TRP B 148 -26.15 -10.48 11.61
CA TRP B 148 -27.54 -10.91 11.66
C TRP B 148 -27.93 -11.15 13.11
N LYS B 149 -29.05 -10.56 13.52
CA LYS B 149 -29.62 -10.78 14.84
C LYS B 149 -31.08 -11.14 14.66
N VAL B 150 -31.45 -12.36 15.05
CA VAL B 150 -32.82 -12.84 14.99
C VAL B 150 -33.31 -13.02 16.41
N ASP B 151 -34.37 -12.27 16.77
CA ASP B 151 -34.83 -12.17 18.16
C ASP B 151 -33.71 -11.70 19.08
N ASN B 152 -32.89 -10.79 18.58
CA ASN B 152 -31.73 -10.23 19.27
C ASN B 152 -30.72 -11.30 19.68
N ALA B 153 -30.76 -12.45 19.02
CA ALA B 153 -29.73 -13.47 19.14
C ALA B 153 -28.82 -13.34 17.92
N LEU B 154 -27.56 -12.98 18.17
CA LEU B 154 -26.58 -12.96 17.10
C LEU B 154 -26.40 -14.37 16.54
N GLN B 155 -26.38 -14.47 15.22
CA GLN B 155 -26.35 -15.76 14.54
C GLN B 155 -24.97 -16.02 13.94
N SER B 156 -24.68 -17.29 13.76
CA SER B 156 -23.42 -17.71 13.16
C SER B 156 -23.67 -18.90 12.24
N GLY B 157 -22.83 -19.04 11.23
CA GLY B 157 -22.86 -20.19 10.36
C GLY B 157 -24.11 -20.34 9.53
N ASN B 158 -24.88 -19.25 9.35
CA ASN B 158 -26.15 -19.30 8.63
C ASN B 158 -26.29 -18.20 7.58
N SER B 159 -25.29 -17.34 7.41
CA SER B 159 -25.37 -16.24 6.47
C SER B 159 -24.40 -16.48 5.32
N GLN B 160 -24.54 -15.66 4.28
CA GLN B 160 -23.74 -15.79 3.06
C GLN B 160 -23.69 -14.43 2.37
N GLU B 161 -22.51 -14.02 1.92
CA GLU B 161 -22.30 -12.66 1.44
C GLU B 161 -21.84 -12.67 -0.02
N SER B 162 -22.29 -11.66 -0.78
CA SER B 162 -21.88 -11.50 -2.17
C SER B 162 -21.61 -10.03 -2.45
N VAL B 163 -20.55 -9.75 -3.21
CA VAL B 163 -20.13 -8.38 -3.52
C VAL B 163 -20.08 -8.18 -5.04
N THR B 164 -20.60 -7.05 -5.51
CA THR B 164 -20.50 -6.76 -6.93
C THR B 164 -19.11 -6.26 -7.28
N GLU B 165 -18.77 -6.34 -8.56
CA GLU B 165 -17.56 -5.67 -9.00
C GLU B 165 -17.73 -4.16 -8.87
N GLN B 166 -16.61 -3.45 -8.75
CA GLN B 166 -16.68 -2.00 -8.67
C GLN B 166 -17.42 -1.45 -9.89
N ASP B 167 -18.31 -0.50 -9.64
CA ASP B 167 -19.15 0.01 -10.73
C ASP B 167 -18.36 0.91 -11.67
N SER B 168 -18.75 0.91 -12.94
CA SER B 168 -18.04 1.68 -13.93
C SER B 168 -18.37 3.18 -13.89
N LYS B 169 -19.52 3.55 -13.34
CA LYS B 169 -19.97 4.95 -13.35
C LYS B 169 -19.56 5.72 -12.10
N ASP B 170 -19.85 5.17 -10.92
CA ASP B 170 -19.54 5.83 -9.66
C ASP B 170 -18.47 5.11 -8.83
N SER B 171 -17.98 3.97 -9.31
CA SER B 171 -16.81 3.31 -8.72
C SER B 171 -17.06 2.82 -7.30
N THR B 172 -18.27 2.37 -7.03
CA THR B 172 -18.71 1.94 -5.71
C THR B 172 -18.98 0.44 -5.72
N TYR B 173 -19.31 -0.12 -4.56
CA TYR B 173 -19.67 -1.53 -4.43
C TYR B 173 -21.08 -1.68 -3.89
N SER B 174 -21.67 -2.85 -4.14
CA SER B 174 -22.88 -3.25 -3.45
C SER B 174 -22.69 -4.63 -2.86
N LEU B 175 -23.53 -4.97 -1.90
CA LEU B 175 -23.33 -6.18 -1.14
C LEU B 175 -24.67 -6.76 -0.72
N SER B 176 -24.81 -8.07 -0.89
CA SER B 176 -25.96 -8.83 -0.44
C SER B 176 -25.54 -9.74 0.71
N SER B 177 -26.45 -9.92 1.66
CA SER B 177 -26.26 -10.86 2.75
C SER B 177 -27.57 -11.62 2.92
N THR B 178 -27.50 -12.95 2.83
CA THR B 178 -28.68 -13.81 2.84
C THR B 178 -28.56 -14.78 4.00
N LEU B 179 -29.48 -14.68 4.96
CA LEU B 179 -29.61 -15.68 6.01
C LEU B 179 -30.65 -16.70 5.58
N THR B 180 -30.39 -17.98 5.88
CA THR B 180 -31.21 -19.07 5.39
C THR B 180 -31.65 -19.93 6.57
N LEU B 181 -32.96 -20.06 6.75
CA LEU B 181 -33.53 -20.97 7.73
C LEU B 181 -34.69 -21.70 7.09
N SER B 182 -34.99 -22.89 7.63
CA SER B 182 -36.14 -23.64 7.17
C SER B 182 -37.43 -22.91 7.53
N LYS B 183 -38.52 -23.28 6.83
CA LYS B 183 -39.82 -22.67 7.13
C LYS B 183 -40.17 -22.81 8.60
N ALA B 184 -39.86 -23.95 9.20
CA ALA B 184 -40.14 -24.17 10.62
C ALA B 184 -39.28 -23.25 11.48
N ASP B 185 -37.95 -23.38 11.39
CA ASP B 185 -37.05 -22.58 12.20
C ASP B 185 -37.28 -21.08 12.00
N TYR B 186 -37.69 -20.68 10.79
CA TYR B 186 -38.03 -19.28 10.55
C TYR B 186 -39.25 -18.88 11.37
N GLU B 187 -40.20 -19.78 11.54
CA GLU B 187 -41.38 -19.50 12.36
C GLU B 187 -41.08 -19.59 13.85
N LYS B 188 -39.85 -19.98 14.25
CA LYS B 188 -39.48 -20.06 15.65
C LYS B 188 -39.03 -18.72 16.23
N HIS B 189 -38.83 -17.71 15.40
CA HIS B 189 -38.49 -16.37 15.85
C HIS B 189 -39.56 -15.39 15.41
N LYS B 190 -39.50 -14.18 15.97
CA LYS B 190 -40.42 -13.11 15.61
C LYS B 190 -39.74 -12.02 14.79
N VAL B 191 -38.72 -11.37 15.33
CA VAL B 191 -38.08 -10.21 14.73
C VAL B 191 -36.77 -10.63 14.07
N TYR B 192 -36.48 -10.03 12.91
CA TYR B 192 -35.27 -10.33 12.14
C TYR B 192 -34.59 -9.04 11.72
N ALA B 193 -33.27 -8.98 11.85
CA ALA B 193 -32.56 -7.73 11.63
C ALA B 193 -31.12 -8.00 11.18
N CYS B 194 -30.62 -7.11 10.32
CA CYS B 194 -29.21 -7.07 9.94
C CYS B 194 -28.63 -5.75 10.39
N GLU B 195 -27.56 -5.80 11.18
CA GLU B 195 -26.83 -4.61 11.62
C GLU B 195 -25.60 -4.43 10.75
N VAL B 196 -25.44 -3.23 10.20
CA VAL B 196 -24.42 -2.96 9.18
C VAL B 196 -23.40 -1.98 9.75
N THR B 197 -22.11 -2.35 9.67
CA THR B 197 -21.00 -1.52 10.09
C THR B 197 -20.21 -1.09 8.86
N HIS B 198 -19.93 0.21 8.77
CA HIS B 198 -19.16 0.71 7.64
C HIS B 198 -18.47 2.00 8.04
N GLN B 199 -17.42 2.35 7.29
CA GLN B 199 -16.71 3.60 7.54
C GLN B 199 -17.66 4.80 7.51
N GLY B 200 -18.51 4.86 6.49
CA GLY B 200 -19.33 6.02 6.26
C GLY B 200 -20.54 6.15 7.17
N LEU B 201 -20.66 5.27 8.15
CA LEU B 201 -21.73 5.33 9.14
C LEU B 201 -21.15 5.72 10.49
N SER B 202 -21.78 6.72 11.13
CA SER B 202 -21.33 7.15 12.45
C SER B 202 -21.56 6.05 13.49
N SER B 203 -22.71 5.38 13.42
CA SER B 203 -23.06 4.27 14.27
C SER B 203 -23.59 3.13 13.39
N PRO B 204 -23.58 1.90 13.89
CA PRO B 204 -24.12 0.79 13.09
C PRO B 204 -25.60 0.97 12.78
N VAL B 205 -25.92 0.93 11.50
CA VAL B 205 -27.29 1.03 11.02
C VAL B 205 -27.95 -0.34 11.11
N THR B 206 -29.18 -0.39 11.61
CA THR B 206 -29.94 -1.63 11.69
C THR B 206 -31.24 -1.52 10.91
N LYS B 207 -31.48 -2.48 10.02
CA LYS B 207 -32.77 -2.63 9.37
C LYS B 207 -33.43 -3.90 9.88
N SER B 208 -34.72 -3.81 10.21
CA SER B 208 -35.39 -4.88 10.93
C SER B 208 -36.83 -5.03 10.43
N PHE B 209 -37.41 -6.17 10.75
CA PHE B 209 -38.81 -6.47 10.47
C PHE B 209 -39.24 -7.62 11.37
N ASN B 210 -40.53 -7.64 11.70
CA ASN B 210 -41.11 -8.67 12.57
C ASN B 210 -41.96 -9.60 11.72
N ARG B 211 -41.62 -10.89 11.74
CA ARG B 211 -42.39 -11.91 11.02
C ARG B 211 -43.80 -12.04 11.59
N GLU C 2 -10.93 -8.75 -38.88
CA GLU C 2 -11.77 -9.93 -39.00
C GLU C 2 -11.12 -11.15 -38.34
N VAL C 3 -10.04 -10.95 -37.60
CA VAL C 3 -9.44 -12.04 -36.86
C VAL C 3 -10.38 -12.48 -35.74
N GLN C 4 -10.73 -13.76 -35.72
CA GLN C 4 -11.58 -14.33 -34.69
C GLN C 4 -11.02 -15.67 -34.24
N LEU C 5 -11.26 -15.99 -32.97
CA LEU C 5 -11.10 -17.34 -32.43
C LEU C 5 -12.37 -17.65 -31.67
N VAL C 6 -13.10 -18.68 -32.10
CA VAL C 6 -14.38 -19.04 -31.50
C VAL C 6 -14.23 -20.45 -30.93
N GLU C 7 -14.24 -20.55 -29.61
CA GLU C 7 -14.20 -21.84 -28.92
C GLU C 7 -15.60 -22.44 -28.83
N SER C 8 -15.67 -23.77 -28.88
CA SER C 8 -16.93 -24.45 -28.61
C SER C 8 -16.62 -25.82 -28.00
N GLY C 9 -17.69 -26.49 -27.55
CA GLY C 9 -17.61 -27.84 -27.01
C GLY C 9 -17.52 -27.94 -25.49
N GLY C 10 -17.56 -26.82 -24.78
CA GLY C 10 -17.58 -26.85 -23.33
C GLY C 10 -18.99 -27.08 -22.78
N GLY C 11 -19.04 -27.36 -21.49
CA GLY C 11 -20.30 -27.61 -20.82
C GLY C 11 -20.06 -28.39 -19.54
N LEU C 12 -21.12 -29.04 -19.07
CA LEU C 12 -21.09 -29.84 -17.86
C LEU C 12 -20.74 -31.30 -18.19
N VAL C 13 -19.79 -31.86 -17.46
CA VAL C 13 -19.29 -33.20 -17.74
C VAL C 13 -18.99 -33.92 -16.44
N GLN C 14 -19.18 -35.24 -16.43
CA GLN C 14 -18.95 -36.03 -15.22
C GLN C 14 -17.46 -36.13 -14.92
N PRO C 15 -17.10 -36.20 -13.64
CA PRO C 15 -15.69 -36.47 -13.30
C PRO C 15 -15.26 -37.82 -13.87
N GLY C 16 -14.05 -37.87 -14.37
CA GLY C 16 -13.59 -39.07 -15.06
C GLY C 16 -13.99 -39.14 -16.52
N GLY C 17 -14.76 -38.17 -17.01
CA GLY C 17 -15.25 -38.19 -18.36
C GLY C 17 -14.33 -37.49 -19.35
N SER C 18 -14.84 -37.33 -20.58
CA SER C 18 -14.06 -36.77 -21.68
C SER C 18 -14.87 -35.68 -22.37
N LEU C 19 -14.15 -34.75 -22.98
CA LEU C 19 -14.73 -33.61 -23.68
C LEU C 19 -13.73 -33.19 -24.77
N ARG C 20 -14.23 -32.76 -25.93
CA ARG C 20 -13.35 -32.24 -26.96
C ARG C 20 -13.73 -30.78 -27.21
N LEU C 21 -12.82 -29.88 -26.91
CA LEU C 21 -13.02 -28.47 -27.25
C LEU C 21 -12.53 -28.23 -28.67
N SER C 22 -13.14 -27.25 -29.33
CA SER C 22 -12.66 -26.83 -30.63
C SER C 22 -12.50 -25.31 -30.68
N CYS C 23 -11.61 -24.85 -31.56
CA CYS C 23 -11.30 -23.43 -31.72
C CYS C 23 -11.23 -23.15 -33.23
N ALA C 24 -12.27 -22.50 -33.77
CA ALA C 24 -12.33 -22.17 -35.18
C ALA C 24 -11.70 -20.80 -35.38
N ALA C 25 -10.73 -20.71 -36.27
CA ALA C 25 -10.03 -19.46 -36.54
C ALA C 25 -10.51 -18.83 -37.84
N SER C 26 -10.63 -17.51 -37.86
CA SER C 26 -10.99 -16.75 -39.04
C SER C 26 -10.07 -15.53 -39.15
N GLY C 27 -9.90 -15.01 -40.36
CA GLY C 27 -9.07 -13.84 -40.54
C GLY C 27 -7.59 -14.14 -40.67
N PHE C 28 -7.16 -15.36 -40.39
CA PHE C 28 -5.77 -15.75 -40.57
C PHE C 28 -5.75 -17.28 -40.68
N ASN C 29 -4.67 -17.83 -41.26
CA ASN C 29 -4.50 -19.28 -41.30
C ASN C 29 -3.76 -19.76 -40.07
N ILE C 30 -4.25 -20.83 -39.45
CA ILE C 30 -3.63 -21.30 -38.21
C ILE C 30 -2.25 -21.87 -38.45
N SER C 31 -1.92 -22.20 -39.68
CA SER C 31 -0.59 -22.73 -39.94
C SER C 31 0.45 -21.62 -40.07
N SER C 32 0.05 -20.37 -39.90
CA SER C 32 0.98 -19.26 -39.90
C SER C 32 1.38 -18.86 -38.50
N SER C 33 0.79 -19.46 -37.47
CA SER C 33 1.04 -19.06 -36.09
C SER C 33 0.92 -20.28 -35.19
N SER C 34 1.19 -20.07 -33.90
CA SER C 34 0.93 -21.10 -32.90
C SER C 34 -0.48 -20.93 -32.38
N ILE C 35 -0.99 -21.98 -31.74
CA ILE C 35 -2.31 -21.97 -31.10
C ILE C 35 -2.11 -22.49 -29.69
N HIS C 36 -2.69 -21.79 -28.70
CA HIS C 36 -2.49 -22.08 -27.31
C HIS C 36 -3.87 -22.28 -26.67
N TRP C 37 -3.91 -23.15 -25.68
CA TRP C 37 -5.07 -23.28 -24.80
C TRP C 37 -4.63 -22.86 -23.41
N VAL C 38 -5.39 -21.95 -22.81
CA VAL C 38 -5.11 -21.38 -21.50
C VAL C 38 -6.41 -21.35 -20.73
N ARG C 39 -6.41 -21.84 -19.48
CA ARG C 39 -7.64 -21.90 -18.70
C ARG C 39 -7.59 -21.01 -17.48
N GLN C 40 -8.77 -20.67 -16.98
CA GLN C 40 -8.90 -19.78 -15.83
C GLN C 40 -9.98 -20.36 -14.94
N ALA C 41 -9.56 -20.93 -13.79
CA ALA C 41 -10.52 -21.45 -12.83
C ALA C 41 -11.28 -20.30 -12.19
N PRO C 42 -12.56 -20.50 -11.86
CA PRO C 42 -13.35 -19.40 -11.30
C PRO C 42 -12.61 -18.71 -10.16
N GLY C 43 -12.45 -17.39 -10.30
CA GLY C 43 -11.77 -16.56 -9.30
C GLY C 43 -10.26 -16.59 -9.31
N LYS C 44 -9.62 -17.36 -10.21
CA LYS C 44 -8.17 -17.59 -10.13
C LYS C 44 -7.46 -17.02 -11.37
N GLY C 45 -6.14 -17.22 -11.41
CA GLY C 45 -5.31 -16.68 -12.47
C GLY C 45 -5.37 -17.49 -13.75
N LEU C 46 -4.54 -17.08 -14.71
CA LEU C 46 -4.42 -17.76 -15.99
C LEU C 46 -3.39 -18.87 -15.88
N GLU C 47 -3.72 -20.05 -16.40
CA GLU C 47 -2.84 -21.22 -16.39
C GLU C 47 -2.75 -21.80 -17.80
N TRP C 48 -1.54 -21.90 -18.33
CA TRP C 48 -1.34 -22.51 -19.64
C TRP C 48 -1.65 -24.00 -19.59
N VAL C 49 -2.33 -24.49 -20.63
CA VAL C 49 -2.70 -25.91 -20.75
C VAL C 49 -1.85 -26.63 -21.80
N ALA C 50 -1.85 -26.14 -23.04
CA ALA C 50 -1.09 -26.79 -24.12
C ALA C 50 -0.99 -25.84 -25.29
N SER C 51 -0.01 -26.07 -26.16
CA SER C 51 0.20 -25.27 -27.36
C SER C 51 0.52 -26.20 -28.53
N ILE C 52 0.33 -25.70 -29.75
CA ILE C 52 0.61 -26.50 -30.95
C ILE C 52 1.03 -25.55 -32.06
N SER C 53 2.00 -25.99 -32.88
CA SER C 53 2.21 -25.36 -34.16
C SER C 53 1.48 -26.17 -35.21
N PRO C 54 0.34 -25.72 -35.76
CA PRO C 54 -0.35 -26.57 -36.74
C PRO C 54 0.51 -26.86 -37.95
N TYR C 55 1.40 -25.94 -38.32
CA TYR C 55 2.27 -26.18 -39.47
C TYR C 55 3.19 -27.37 -39.24
N TYR C 56 3.87 -27.41 -38.09
CA TYR C 56 4.82 -28.49 -37.85
C TYR C 56 4.21 -29.65 -37.08
N SER C 57 2.97 -29.51 -36.61
CA SER C 57 2.27 -30.51 -35.80
C SER C 57 2.93 -30.75 -34.45
N SER C 58 3.86 -29.89 -34.05
CA SER C 58 4.57 -30.05 -32.78
C SER C 58 3.71 -29.51 -31.63
N THR C 59 3.85 -30.13 -30.45
CA THR C 59 2.99 -29.83 -29.30
C THR C 59 3.80 -29.76 -28.02
N SER C 60 3.23 -29.08 -27.03
CA SER C 60 3.79 -29.05 -25.69
C SER C 60 2.63 -28.97 -24.71
N TYR C 61 2.82 -29.54 -23.52
CA TYR C 61 1.77 -29.63 -22.51
C TYR C 61 2.25 -29.21 -21.12
N ALA C 62 1.34 -28.64 -20.34
CA ALA C 62 1.59 -28.50 -18.92
C ALA C 62 1.68 -29.87 -18.24
N ASP C 63 2.45 -29.94 -17.15
CA ASP C 63 2.65 -31.23 -16.48
C ASP C 63 1.34 -31.88 -16.03
N SER C 64 0.39 -31.09 -15.54
CA SER C 64 -0.79 -31.67 -14.92
C SER C 64 -1.81 -32.20 -15.92
N VAL C 65 -1.60 -32.03 -17.23
CA VAL C 65 -2.51 -32.58 -18.23
C VAL C 65 -1.82 -33.56 -19.17
N LYS C 66 -0.49 -33.73 -19.04
CA LYS C 66 0.25 -34.70 -19.83
C LYS C 66 -0.39 -36.08 -19.80
N GLY C 67 -0.56 -36.67 -20.98
CA GLY C 67 -1.10 -38.02 -21.13
C GLY C 67 -2.60 -38.06 -21.29
N ARG C 68 -3.32 -37.33 -20.44
CA ARG C 68 -4.78 -37.38 -20.49
C ARG C 68 -5.39 -36.30 -21.37
N PHE C 69 -4.65 -35.26 -21.75
CA PHE C 69 -5.11 -34.27 -22.72
C PHE C 69 -4.30 -34.42 -24.00
N THR C 70 -4.94 -34.11 -25.14
CA THR C 70 -4.24 -34.10 -26.41
C THR C 70 -4.69 -32.89 -27.20
N ILE C 71 -3.72 -32.06 -27.61
CA ILE C 71 -3.99 -30.92 -28.48
C ILE C 71 -3.69 -31.32 -29.91
N SER C 72 -4.54 -30.90 -30.83
CA SER C 72 -4.30 -31.21 -32.23
C SER C 72 -4.87 -30.08 -33.07
N ALA C 73 -4.66 -30.19 -34.37
CA ALA C 73 -5.22 -29.19 -35.28
C ALA C 73 -5.45 -29.85 -36.64
N ASP C 74 -6.35 -29.25 -37.40
CA ASP C 74 -6.64 -29.64 -38.77
C ASP C 74 -6.56 -28.38 -39.61
N THR C 75 -5.48 -28.24 -40.40
CA THR C 75 -5.31 -26.97 -41.12
C THR C 75 -6.34 -26.83 -42.24
N SER C 76 -6.82 -27.94 -42.80
CA SER C 76 -7.89 -27.84 -43.82
C SER C 76 -9.22 -27.38 -43.22
N LYS C 77 -9.36 -27.40 -41.89
CA LYS C 77 -10.52 -26.82 -41.23
C LYS C 77 -10.17 -25.52 -40.50
N ASN C 78 -8.94 -25.07 -40.58
CA ASN C 78 -8.49 -23.88 -39.84
C ASN C 78 -8.97 -23.92 -38.39
N THR C 79 -8.84 -25.07 -37.76
CA THR C 79 -9.49 -25.33 -36.49
C THR C 79 -8.55 -26.14 -35.62
N ALA C 80 -8.54 -25.84 -34.33
CA ALA C 80 -7.72 -26.56 -33.36
C ALA C 80 -8.63 -27.27 -32.36
N TYR C 81 -8.06 -28.17 -31.57
CA TYR C 81 -8.85 -29.04 -30.72
C TYR C 81 -8.08 -29.34 -29.45
N LEU C 82 -8.83 -29.64 -28.39
CA LEU C 82 -8.25 -30.07 -27.12
C LEU C 82 -9.10 -31.24 -26.65
N GLN C 83 -8.57 -32.44 -26.80
CA GLN C 83 -9.26 -33.61 -26.29
C GLN C 83 -8.89 -33.76 -24.83
N MET C 84 -9.89 -33.70 -23.95
CA MET C 84 -9.68 -33.72 -22.50
C MET C 84 -10.25 -35.02 -21.97
N ASN C 85 -9.42 -35.84 -21.32
CA ASN C 85 -9.85 -37.12 -20.77
C ASN C 85 -9.53 -37.18 -19.29
N SER C 86 -10.09 -38.18 -18.61
CA SER C 86 -9.89 -38.37 -17.18
C SER C 86 -10.10 -37.06 -16.41
N LEU C 87 -11.21 -36.38 -16.73
CA LEU C 87 -11.45 -35.05 -16.19
C LEU C 87 -11.61 -35.09 -14.68
N ARG C 88 -11.10 -34.05 -14.02
CA ARG C 88 -11.12 -33.87 -12.57
C ARG C 88 -11.85 -32.58 -12.20
N ALA C 89 -12.31 -32.51 -10.94
CA ALA C 89 -12.87 -31.27 -10.44
C ALA C 89 -11.97 -30.08 -10.73
N GLU C 90 -10.67 -30.23 -10.52
CA GLU C 90 -9.78 -29.10 -10.73
C GLU C 90 -9.64 -28.69 -12.19
N ASP C 91 -10.22 -29.42 -13.15
CA ASP C 91 -10.19 -28.97 -14.54
C ASP C 91 -11.32 -27.99 -14.86
N THR C 92 -12.26 -27.81 -13.96
CA THR C 92 -13.30 -26.80 -14.12
C THR C 92 -12.68 -25.43 -14.32
N ALA C 93 -13.05 -24.76 -15.42
CA ALA C 93 -12.53 -23.42 -15.72
C ALA C 93 -13.11 -22.96 -17.05
N VAL C 94 -12.87 -21.69 -17.37
CA VAL C 94 -13.04 -21.21 -18.74
C VAL C 94 -11.77 -21.52 -19.51
N TYR C 95 -11.92 -22.11 -20.71
CA TYR C 95 -10.81 -22.53 -21.56
C TYR C 95 -10.74 -21.55 -22.73
N TYR C 96 -9.69 -20.75 -22.76
CA TYR C 96 -9.46 -19.80 -23.84
C TYR C 96 -8.59 -20.44 -24.90
N CYS C 97 -8.90 -20.16 -26.14
CA CYS C 97 -8.01 -20.43 -27.26
C CYS C 97 -7.34 -19.13 -27.66
N ALA C 98 -6.04 -19.19 -27.93
CA ALA C 98 -5.30 -17.98 -28.30
C ALA C 98 -4.32 -18.34 -29.42
N ARG C 99 -3.93 -17.34 -30.19
CA ARG C 99 -2.94 -17.49 -31.24
C ARG C 99 -1.78 -16.55 -30.99
N GLY C 100 -0.62 -16.90 -31.53
CA GLY C 100 0.53 -16.02 -31.47
C GLY C 100 1.80 -16.66 -31.96
N PRO C 101 2.83 -15.87 -32.26
CA PRO C 101 4.14 -16.45 -32.62
C PRO C 101 4.83 -17.01 -31.39
N GLY C 102 5.48 -18.16 -31.55
CA GLY C 102 6.09 -18.80 -30.40
C GLY C 102 5.04 -19.07 -29.33
N TYR C 103 5.35 -18.68 -28.09
CA TYR C 103 4.41 -18.77 -26.98
C TYR C 103 3.87 -17.40 -26.56
N ALA C 104 4.12 -16.37 -27.37
CA ALA C 104 3.39 -15.12 -27.24
C ALA C 104 1.95 -15.34 -27.68
N MET C 105 1.03 -14.58 -27.08
CA MET C 105 -0.41 -14.78 -27.32
C MET C 105 -1.03 -13.43 -27.70
N ASP C 106 -1.07 -13.13 -29.00
CA ASP C 106 -1.51 -11.80 -29.39
C ASP C 106 -3.03 -11.65 -29.52
N TYR C 107 -3.79 -12.74 -29.68
CA TYR C 107 -5.24 -12.67 -29.81
C TYR C 107 -5.88 -13.82 -29.05
N TRP C 108 -6.90 -13.54 -28.24
CA TRP C 108 -7.57 -14.54 -27.42
C TRP C 108 -9.06 -14.60 -27.77
N GLY C 109 -9.62 -15.81 -27.85
CA GLY C 109 -11.06 -15.95 -27.92
C GLY C 109 -11.73 -15.66 -26.57
N GLN C 110 -13.05 -15.63 -26.59
CA GLN C 110 -13.78 -15.28 -25.36
C GLN C 110 -13.93 -16.46 -24.40
N GLY C 111 -13.48 -17.65 -24.75
CA GLY C 111 -13.46 -18.80 -23.85
C GLY C 111 -14.78 -19.58 -23.83
N THR C 112 -14.68 -20.83 -23.37
N THR C 112 -14.67 -20.85 -23.42
CA THR C 112 -15.82 -21.71 -23.17
CA THR C 112 -15.84 -21.68 -23.13
C THR C 112 -15.70 -22.38 -21.79
C THR C 112 -15.68 -22.32 -21.76
N LEU C 113 -16.79 -22.37 -21.02
CA LEU C 113 -16.78 -22.84 -19.64
C LEU C 113 -16.94 -24.36 -19.59
N VAL C 114 -16.02 -25.03 -18.92
CA VAL C 114 -16.09 -26.46 -18.67
C VAL C 114 -16.31 -26.65 -17.19
N THR C 115 -17.38 -27.36 -16.82
CA THR C 115 -17.65 -27.66 -15.42
C THR C 115 -17.59 -29.18 -15.26
N VAL C 116 -16.69 -29.64 -14.40
CA VAL C 116 -16.54 -31.07 -14.09
C VAL C 116 -17.24 -31.31 -12.77
N SER C 117 -18.38 -32.02 -12.80
CA SER C 117 -19.15 -32.29 -11.59
C SER C 117 -20.08 -33.46 -11.84
N SER C 118 -20.34 -34.22 -10.79
CA SER C 118 -21.32 -35.30 -10.89
C SER C 118 -22.73 -34.84 -10.54
N ALA C 119 -22.90 -33.57 -10.21
CA ALA C 119 -24.22 -33.04 -9.87
C ALA C 119 -25.07 -32.85 -11.13
N SER C 120 -26.37 -33.06 -10.98
CA SER C 120 -27.28 -32.91 -12.12
C SER C 120 -27.55 -31.43 -12.41
N THR C 121 -27.93 -31.16 -13.65
CA THR C 121 -28.46 -29.83 -13.96
C THR C 121 -29.77 -29.62 -13.20
N LYS C 122 -30.01 -28.38 -12.79
CA LYS C 122 -31.27 -28.05 -12.14
C LYS C 122 -31.54 -26.57 -12.38
N GLY C 123 -32.76 -26.24 -12.79
CA GLY C 123 -33.11 -24.86 -13.04
C GLY C 123 -33.44 -24.15 -11.75
N PRO C 124 -33.31 -22.83 -11.73
CA PRO C 124 -33.59 -22.08 -10.51
C PRO C 124 -35.07 -21.91 -10.27
N SER C 125 -35.40 -21.73 -8.99
CA SER C 125 -36.65 -21.12 -8.58
C SER C 125 -36.40 -19.63 -8.37
N VAL C 126 -37.38 -18.82 -8.73
CA VAL C 126 -37.26 -17.37 -8.66
C VAL C 126 -38.32 -16.86 -7.71
N PHE C 127 -37.90 -16.07 -6.71
CA PHE C 127 -38.83 -15.48 -5.76
C PHE C 127 -38.66 -13.97 -5.75
N PRO C 128 -39.75 -13.20 -5.58
CA PRO C 128 -39.60 -11.74 -5.60
C PRO C 128 -38.95 -11.23 -4.33
N LEU C 129 -38.30 -10.08 -4.45
CA LEU C 129 -37.78 -9.33 -3.32
C LEU C 129 -38.62 -8.05 -3.30
N ALA C 130 -39.71 -8.08 -2.52
CA ALA C 130 -40.71 -7.03 -2.58
C ALA C 130 -40.25 -5.80 -1.82
N PRO C 131 -40.43 -4.60 -2.40
CA PRO C 131 -40.23 -3.34 -1.69
C PRO C 131 -41.16 -3.18 -0.49
N THR C 140 -36.42 6.96 -3.18
CA THR C 140 -35.69 5.81 -3.70
C THR C 140 -36.14 4.51 -3.04
N ALA C 141 -36.45 3.51 -3.86
CA ALA C 141 -36.82 2.18 -3.39
C ALA C 141 -35.96 1.13 -4.07
N ALA C 142 -35.65 0.06 -3.34
CA ALA C 142 -34.92 -1.07 -3.88
C ALA C 142 -35.83 -2.28 -3.94
N LEU C 143 -35.70 -3.07 -5.01
CA LEU C 143 -36.47 -4.29 -5.18
C LEU C 143 -35.63 -5.25 -6.01
N GLY C 144 -36.02 -6.53 -6.02
CA GLY C 144 -35.25 -7.48 -6.79
C GLY C 144 -35.89 -8.83 -6.97
N CYS C 145 -35.04 -9.81 -7.30
CA CYS C 145 -35.42 -11.19 -7.49
C CYS C 145 -34.36 -12.09 -6.88
N LEU C 146 -34.78 -13.07 -6.10
CA LEU C 146 -33.91 -14.12 -5.60
C LEU C 146 -33.93 -15.29 -6.57
N VAL C 147 -32.76 -15.60 -7.15
CA VAL C 147 -32.61 -16.68 -8.12
C VAL C 147 -31.94 -17.82 -7.37
N LYS C 148 -32.75 -18.76 -6.89
CA LYS C 148 -32.34 -19.69 -5.86
C LYS C 148 -32.22 -21.11 -6.42
N ASP C 149 -31.08 -21.74 -6.14
CA ASP C 149 -30.93 -23.20 -6.21
C ASP C 149 -30.83 -23.74 -7.63
N TYR C 150 -29.78 -23.35 -8.35
CA TYR C 150 -29.57 -23.84 -9.70
C TYR C 150 -28.18 -24.42 -9.84
N PHE C 151 -28.00 -25.19 -10.92
CA PHE C 151 -26.70 -25.76 -11.25
C PHE C 151 -26.72 -26.19 -12.70
N PRO C 152 -25.63 -26.01 -13.46
CA PRO C 152 -24.42 -25.25 -13.11
C PRO C 152 -24.58 -23.78 -13.46
N GLU C 153 -23.53 -23.00 -13.22
CA GLU C 153 -23.42 -21.68 -13.81
C GLU C 153 -23.46 -21.77 -15.33
N PRO C 154 -23.88 -20.68 -16.02
CA PRO C 154 -24.35 -19.39 -15.52
C PRO C 154 -25.86 -19.21 -15.66
N VAL C 155 -26.40 -18.21 -14.95
CA VAL C 155 -27.72 -17.65 -15.23
C VAL C 155 -27.51 -16.21 -15.68
N THR C 156 -28.42 -15.72 -16.52
CA THR C 156 -28.48 -14.31 -16.87
C THR C 156 -29.74 -13.70 -16.29
N VAL C 157 -29.63 -12.46 -15.80
CA VAL C 157 -30.78 -11.73 -15.28
C VAL C 157 -30.86 -10.38 -15.99
N SER C 158 -32.03 -10.09 -16.56
CA SER C 158 -32.33 -8.76 -17.08
C SER C 158 -33.58 -8.24 -16.38
N TRP C 159 -33.89 -6.96 -16.62
CA TRP C 159 -35.06 -6.32 -16.03
C TRP C 159 -35.89 -5.68 -17.14
N ASN C 160 -37.20 -5.95 -17.13
CA ASN C 160 -38.12 -5.43 -18.13
C ASN C 160 -37.58 -5.66 -19.55
N SER C 161 -37.05 -6.87 -19.77
CA SER C 161 -36.49 -7.28 -21.07
C SER C 161 -35.35 -6.37 -21.53
N GLY C 162 -34.54 -5.87 -20.59
CA GLY C 162 -33.47 -4.94 -20.90
C GLY C 162 -33.87 -3.48 -20.91
N ALA C 163 -35.16 -3.15 -20.83
CA ALA C 163 -35.56 -1.75 -20.81
C ALA C 163 -35.05 -1.06 -19.54
N LEU C 164 -35.13 -1.75 -18.40
CA LEU C 164 -34.61 -1.21 -17.14
C LEU C 164 -33.15 -1.61 -17.02
N THR C 165 -32.26 -0.62 -17.00
CA THR C 165 -30.83 -0.91 -16.91
C THR C 165 -30.08 -0.06 -15.89
N SER C 166 -30.48 1.20 -15.65
CA SER C 166 -29.82 1.99 -14.63
C SER C 166 -30.15 1.46 -13.25
N GLY C 167 -29.13 1.36 -12.39
CA GLY C 167 -29.34 0.97 -11.01
C GLY C 167 -29.52 -0.52 -10.78
N VAL C 168 -29.30 -1.36 -11.77
CA VAL C 168 -29.41 -2.81 -11.59
C VAL C 168 -28.12 -3.34 -10.97
N HIS C 169 -28.26 -4.21 -9.98
CA HIS C 169 -27.14 -5.00 -9.46
C HIS C 169 -27.51 -6.47 -9.46
N THR C 170 -26.80 -7.24 -10.26
CA THR C 170 -26.93 -8.69 -10.27
C THR C 170 -25.69 -9.23 -9.58
N PHE C 171 -25.88 -9.78 -8.38
CA PHE C 171 -24.74 -10.22 -7.59
C PHE C 171 -24.13 -11.50 -8.16
N PRO C 172 -22.81 -11.64 -8.12
CA PRO C 172 -22.20 -12.91 -8.53
C PRO C 172 -22.73 -14.06 -7.70
N ALA C 173 -22.84 -15.22 -8.33
CA ALA C 173 -23.43 -16.38 -7.68
C ALA C 173 -22.56 -16.86 -6.55
N VAL C 174 -23.19 -17.36 -5.50
CA VAL C 174 -22.49 -17.96 -4.38
C VAL C 174 -22.91 -19.42 -4.26
N LEU C 175 -21.93 -20.28 -4.03
CA LEU C 175 -22.16 -21.70 -3.89
C LEU C 175 -22.72 -21.94 -2.49
N GLN C 176 -23.72 -22.81 -2.39
CA GLN C 176 -24.34 -23.11 -1.10
C GLN C 176 -23.85 -24.46 -0.59
N SER C 177 -24.14 -24.72 0.70
CA SER C 177 -23.76 -25.99 1.29
C SER C 177 -24.41 -27.18 0.57
N SER C 178 -25.52 -26.96 -0.13
CA SER C 178 -26.17 -28.01 -0.90
C SER C 178 -25.56 -28.23 -2.27
N GLY C 179 -24.43 -27.60 -2.56
CA GLY C 179 -23.82 -27.71 -3.88
C GLY C 179 -24.55 -26.96 -4.98
N LEU C 180 -25.62 -26.25 -4.68
CA LEU C 180 -26.38 -25.51 -5.67
C LEU C 180 -26.11 -24.01 -5.54
N TYR C 181 -26.20 -23.30 -6.67
CA TYR C 181 -25.93 -21.88 -6.70
C TYR C 181 -27.19 -21.08 -6.39
N SER C 182 -26.99 -19.82 -6.01
CA SER C 182 -28.08 -18.89 -5.76
C SER C 182 -27.51 -17.47 -5.77
N LEU C 183 -28.29 -16.55 -6.34
CA LEU C 183 -27.90 -15.15 -6.36
C LEU C 183 -29.16 -14.30 -6.25
N SER C 184 -28.96 -13.02 -5.98
CA SER C 184 -30.01 -12.01 -6.02
C SER C 184 -29.67 -10.98 -7.09
N SER C 185 -30.71 -10.44 -7.71
CA SER C 185 -30.58 -9.29 -8.61
C SER C 185 -31.54 -8.22 -8.14
N VAL C 186 -31.02 -7.03 -7.84
CA VAL C 186 -31.82 -5.95 -7.31
C VAL C 186 -31.68 -4.71 -8.17
N VAL C 187 -32.59 -3.77 -7.98
CA VAL C 187 -32.59 -2.51 -8.72
C VAL C 187 -33.20 -1.45 -7.81
N THR C 188 -32.70 -0.22 -7.93
CA THR C 188 -33.24 0.92 -7.22
C THR C 188 -34.12 1.75 -8.16
N VAL C 189 -35.29 2.10 -7.72
CA VAL C 189 -36.24 2.88 -8.55
C VAL C 189 -36.82 3.99 -7.73
N PRO C 190 -37.30 5.05 -8.39
CA PRO C 190 -38.04 6.09 -7.68
C PRO C 190 -39.25 5.51 -6.96
N SER C 191 -39.39 5.88 -5.68
CA SER C 191 -40.50 5.41 -4.85
C SER C 191 -41.86 5.79 -5.42
N SER C 192 -41.94 6.89 -6.17
CA SER C 192 -43.17 7.37 -6.80
C SER C 192 -43.73 6.39 -7.87
N SER C 193 -43.19 5.18 -8.01
CA SER C 193 -43.61 4.28 -9.09
C SER C 193 -44.12 2.92 -8.61
N LEU C 194 -44.12 2.66 -7.30
CA LEU C 194 -44.35 1.30 -6.80
C LEU C 194 -45.68 0.73 -7.27
N GLY C 195 -46.67 1.56 -7.53
CA GLY C 195 -47.93 1.06 -8.05
C GLY C 195 -48.08 1.26 -9.55
N THR C 196 -47.29 2.19 -10.10
CA THR C 196 -47.37 2.56 -11.51
C THR C 196 -46.55 1.62 -12.38
N GLN C 197 -45.22 1.81 -12.35
CA GLN C 197 -44.34 1.00 -13.18
C GLN C 197 -44.43 -0.46 -12.76
N THR C 198 -44.41 -1.35 -13.75
CA THR C 198 -44.33 -2.77 -13.50
C THR C 198 -42.87 -3.20 -13.62
N TYR C 199 -42.40 -3.94 -12.63
CA TYR C 199 -41.02 -4.43 -12.61
C TYR C 199 -41.05 -5.94 -12.69
N ILE C 200 -40.42 -6.49 -13.73
CA ILE C 200 -40.34 -7.92 -13.98
C ILE C 200 -38.87 -8.27 -14.21
N CYS C 201 -38.39 -9.30 -13.52
CA CYS C 201 -37.04 -9.82 -13.77
C CYS C 201 -37.13 -11.01 -14.72
N ASN C 202 -36.25 -11.01 -15.73
CA ASN C 202 -36.19 -12.05 -16.74
C ASN C 202 -34.95 -12.89 -16.45
N VAL C 203 -35.17 -14.15 -16.06
CA VAL C 203 -34.10 -15.04 -15.60
C VAL C 203 -33.99 -16.19 -16.58
N ASN C 204 -32.78 -16.38 -17.12
N ASN C 204 -32.78 -16.38 -17.12
CA ASN C 204 -32.51 -17.44 -18.09
CA ASN C 204 -32.50 -17.43 -18.10
C ASN C 204 -31.37 -18.32 -17.58
C ASN C 204 -31.38 -18.31 -17.58
N HIS C 205 -31.62 -19.62 -17.53
CA HIS C 205 -30.62 -20.62 -17.16
C HIS C 205 -30.50 -21.56 -18.35
N LYS C 206 -29.66 -21.17 -19.31
CA LYS C 206 -29.49 -21.97 -20.52
C LYS C 206 -29.11 -23.42 -20.26
N PRO C 207 -28.28 -23.75 -19.26
CA PRO C 207 -27.98 -25.18 -19.03
C PRO C 207 -29.21 -26.07 -18.83
N SER C 208 -30.26 -25.59 -18.16
CA SER C 208 -31.45 -26.40 -17.93
C SER C 208 -32.65 -25.99 -18.80
N ASN C 209 -32.44 -25.15 -19.82
CA ASN C 209 -33.52 -24.64 -20.68
C ASN C 209 -34.64 -24.00 -19.85
N THR C 210 -34.26 -23.34 -18.75
CA THR C 210 -35.24 -22.68 -17.88
C THR C 210 -35.31 -21.20 -18.20
N LYS C 211 -36.51 -20.70 -18.47
CA LYS C 211 -36.78 -19.27 -18.61
C LYS C 211 -37.90 -18.91 -17.65
N VAL C 212 -37.71 -17.84 -16.88
CA VAL C 212 -38.70 -17.38 -15.90
C VAL C 212 -38.78 -15.87 -15.98
N ASP C 213 -39.99 -15.33 -16.01
CA ASP C 213 -40.25 -13.92 -15.76
C ASP C 213 -41.12 -13.82 -14.52
N LYS C 214 -40.67 -13.09 -13.51
CA LYS C 214 -41.47 -12.85 -12.32
C LYS C 214 -41.66 -11.36 -12.12
N LYS C 215 -42.90 -10.95 -11.88
CA LYS C 215 -43.22 -9.58 -11.52
C LYS C 215 -42.90 -9.36 -10.06
N VAL C 216 -42.37 -8.19 -9.74
CA VAL C 216 -42.02 -7.84 -8.37
C VAL C 216 -42.95 -6.72 -7.93
N GLU C 217 -43.96 -7.04 -7.12
CA GLU C 217 -44.90 -6.05 -6.57
C GLU C 217 -44.69 -5.87 -5.07
N PRO C 218 -45.22 -4.78 -4.49
CA PRO C 218 -45.16 -4.56 -3.04
C PRO C 218 -46.32 -5.21 -2.28
N GLU D 2 38.59 15.08 2.47
CA GLU D 2 38.60 16.03 3.57
C GLU D 2 37.65 17.20 3.35
N VAL D 3 36.71 17.04 2.41
CA VAL D 3 35.65 18.03 2.23
C VAL D 3 34.80 18.08 3.50
N GLN D 4 34.68 19.26 4.10
CA GLN D 4 33.89 19.46 5.30
C GLN D 4 33.05 20.73 5.20
N LEU D 5 31.91 20.72 5.89
CA LEU D 5 31.10 21.91 6.13
C LEU D 5 30.67 21.83 7.58
N VAL D 6 31.07 22.82 8.38
CA VAL D 6 30.80 22.82 9.81
C VAL D 6 30.01 24.08 10.15
N GLU D 7 28.75 23.90 10.50
CA GLU D 7 27.87 24.98 10.92
C GLU D 7 28.08 25.31 12.39
N SER D 8 27.86 26.59 12.72
CA SER D 8 27.87 27.02 14.11
C SER D 8 27.00 28.26 14.27
N GLY D 9 26.73 28.62 15.52
CA GLY D 9 25.96 29.81 15.82
C GLY D 9 24.49 29.58 16.16
N GLY D 10 24.01 28.34 16.11
CA GLY D 10 22.65 28.05 16.51
C GLY D 10 22.53 27.97 18.02
N GLY D 11 21.29 27.80 18.47
CA GLY D 11 21.00 27.84 19.89
C GLY D 11 19.58 28.32 20.10
N LEU D 12 19.33 28.77 21.31
CA LEU D 12 18.01 29.21 21.75
C LEU D 12 17.94 30.73 21.70
N VAL D 13 16.91 31.26 21.05
CA VAL D 13 16.84 32.70 20.78
C VAL D 13 15.40 33.16 21.00
N GLN D 14 15.25 34.40 21.47
CA GLN D 14 13.94 34.95 21.74
C GLN D 14 13.21 35.23 20.42
N PRO D 15 11.89 35.10 20.40
CA PRO D 15 11.16 35.52 19.19
C PRO D 15 11.36 37.01 18.95
N GLY D 16 11.39 37.41 17.69
CA GLY D 16 11.73 38.77 17.32
C GLY D 16 13.21 39.11 17.43
N GLY D 17 14.05 38.16 17.82
CA GLY D 17 15.47 38.38 17.97
C GLY D 17 16.26 38.12 16.70
N SER D 18 17.59 38.10 16.86
CA SER D 18 18.53 37.95 15.76
C SER D 18 19.56 36.89 16.11
N LEU D 19 20.05 36.20 15.08
CA LEU D 19 21.00 35.12 15.22
C LEU D 19 21.85 35.08 13.94
N ARG D 20 23.15 34.83 14.08
CA ARG D 20 24.01 34.71 12.91
C ARG D 20 24.62 33.31 12.85
N LEU D 21 24.25 32.56 11.82
CA LEU D 21 24.83 31.23 11.60
C LEU D 21 26.05 31.36 10.73
N SER D 22 27.01 30.47 10.94
CA SER D 22 28.15 30.43 10.04
C SER D 22 28.42 28.99 9.65
N CYS D 23 29.16 28.83 8.55
CA CYS D 23 29.41 27.53 7.93
C CYS D 23 30.84 27.56 7.39
N ALA D 24 31.77 26.99 8.16
CA ALA D 24 33.18 26.91 7.78
C ALA D 24 33.39 25.74 6.83
N ALA D 25 34.06 25.97 5.72
CA ALA D 25 34.26 24.93 4.72
C ALA D 25 35.73 24.56 4.65
N SER D 26 36.01 23.26 4.48
CA SER D 26 37.37 22.74 4.30
C SER D 26 37.46 21.78 3.10
N GLY D 27 38.65 21.65 2.55
CA GLY D 27 38.83 20.72 1.44
C GLY D 27 38.33 21.20 0.11
N PHE D 28 37.83 22.43 0.02
CA PHE D 28 37.47 23.04 -1.24
C PHE D 28 37.33 24.54 -0.98
N ASN D 29 37.43 25.33 -2.06
CA ASN D 29 37.25 26.79 -1.98
C ASN D 29 35.79 27.14 -2.21
N ILE D 30 35.20 27.91 -1.30
CA ILE D 30 33.78 28.19 -1.45
C ILE D 30 33.50 29.03 -2.68
N SER D 31 34.49 29.71 -3.24
CA SER D 31 34.20 30.43 -4.48
C SER D 31 34.18 29.51 -5.70
N SER D 32 34.39 28.22 -5.54
CA SER D 32 34.29 27.30 -6.67
C SER D 32 32.89 26.70 -6.83
N SER D 33 31.99 26.91 -5.89
CA SER D 33 30.66 26.30 -5.98
C SER D 33 29.62 27.28 -5.41
N SER D 34 28.37 26.83 -5.32
CA SER D 34 27.37 27.59 -4.59
C SER D 34 27.32 27.12 -3.14
N ILE D 35 26.75 27.95 -2.28
CA ILE D 35 26.49 27.57 -0.89
C ILE D 35 25.01 27.75 -0.63
N HIS D 36 24.41 26.78 0.07
CA HIS D 36 22.97 26.74 0.27
C HIS D 36 22.69 26.60 1.76
N TRP D 37 21.63 27.26 2.23
CA TRP D 37 21.11 27.03 3.57
C TRP D 37 19.74 26.38 3.42
N VAL D 38 19.57 25.23 4.07
CA VAL D 38 18.36 24.44 4.01
C VAL D 38 17.99 24.04 5.44
N ARG D 39 16.71 24.19 5.78
CA ARG D 39 16.32 23.93 7.16
C ARG D 39 15.29 22.83 7.24
N GLN D 40 15.23 22.18 8.41
CA GLN D 40 14.30 21.09 8.64
C GLN D 40 13.67 21.28 10.00
N ALA D 41 12.39 21.66 10.01
CA ALA D 41 11.70 21.77 11.28
C ALA D 41 11.53 20.38 11.87
N PRO D 42 11.49 20.25 13.20
CA PRO D 42 11.36 18.93 13.81
C PRO D 42 10.20 18.13 13.25
N GLY D 43 10.49 16.90 12.82
CA GLY D 43 9.47 16.00 12.28
C GLY D 43 8.94 16.37 10.90
N LYS D 44 9.64 17.24 10.15
CA LYS D 44 9.13 17.75 8.89
C LYS D 44 10.19 17.59 7.80
N GLY D 45 9.86 18.06 6.59
CA GLY D 45 10.71 17.89 5.45
C GLY D 45 11.77 18.98 5.34
N LEU D 46 12.53 18.90 4.25
CA LEU D 46 13.57 19.89 3.98
C LEU D 46 12.96 21.07 3.24
N GLU D 47 13.41 22.27 3.62
CA GLU D 47 12.90 23.53 3.08
C GLU D 47 14.09 24.41 2.78
N TRP D 48 14.23 24.82 1.52
CA TRP D 48 15.34 25.68 1.15
C TRP D 48 15.17 27.07 1.77
N VAL D 49 16.27 27.65 2.27
CA VAL D 49 16.24 28.98 2.91
C VAL D 49 16.84 30.05 2.00
N ALA D 50 18.06 29.83 1.51
CA ALA D 50 18.77 30.87 0.76
C ALA D 50 20.03 30.25 0.16
N SER D 51 20.52 30.84 -0.92
CA SER D 51 21.73 30.35 -1.59
C SER D 51 22.63 31.53 -1.98
N ILE D 52 23.91 31.26 -2.17
CA ILE D 52 24.84 32.33 -2.55
C ILE D 52 25.91 31.76 -3.47
N SER D 53 26.32 32.56 -4.44
CA SER D 53 27.55 32.26 -5.15
C SER D 53 28.64 33.13 -4.53
N PRO D 54 29.53 32.60 -3.70
CA PRO D 54 30.55 33.47 -3.12
C PRO D 54 31.42 34.16 -4.16
N TYR D 55 31.60 33.54 -5.32
CA TYR D 55 32.43 34.15 -6.37
C TYR D 55 31.80 35.43 -6.92
N TYR D 56 30.50 35.39 -7.24
CA TYR D 56 29.85 36.57 -7.77
C TYR D 56 29.20 37.40 -6.68
N SER D 57 29.08 36.87 -5.45
CA SER D 57 28.36 37.46 -4.33
C SER D 57 26.85 37.50 -4.56
N SER D 58 26.37 36.86 -5.62
CA SER D 58 24.93 36.89 -5.90
C SER D 58 24.18 35.97 -4.93
N THR D 59 22.91 36.31 -4.66
CA THR D 59 22.11 35.62 -3.65
C THR D 59 20.68 35.37 -4.13
N SER D 60 20.01 34.40 -3.51
CA SER D 60 18.58 34.23 -3.70
C SER D 60 17.98 33.68 -2.41
N TYR D 61 16.68 33.91 -2.23
CA TYR D 61 16.02 33.68 -0.94
C TYR D 61 14.64 33.07 -1.13
N ALA D 62 14.22 32.23 -0.18
CA ALA D 62 12.82 31.83 -0.16
C ALA D 62 11.93 33.02 0.26
N ASP D 63 10.69 33.03 -0.25
N ASP D 63 10.68 33.02 -0.20
CA ASP D 63 9.79 34.16 -0.02
CA ASP D 63 9.86 34.21 -0.02
C ASP D 63 9.66 34.50 1.45
C ASP D 63 9.56 34.50 1.45
N SER D 64 9.56 33.48 2.31
CA SER D 64 9.21 33.67 3.71
C SER D 64 10.34 34.23 4.56
N VAL D 65 11.55 34.37 4.01
CA VAL D 65 12.67 34.93 4.76
C VAL D 65 13.24 36.18 4.11
N LYS D 66 12.74 36.62 2.94
CA LYS D 66 13.38 37.73 2.22
C LYS D 66 13.33 39.01 3.05
N GLY D 67 14.40 39.82 2.96
CA GLY D 67 14.30 41.05 3.80
C GLY D 67 14.75 40.87 5.24
N ARG D 68 14.24 39.84 5.93
CA ARG D 68 14.66 39.67 7.32
C ARG D 68 15.85 38.72 7.50
N PHE D 69 16.21 37.91 6.50
CA PHE D 69 17.43 37.10 6.50
C PHE D 69 18.39 37.66 5.46
N THR D 70 19.69 37.52 5.72
CA THR D 70 20.71 37.91 4.75
C THR D 70 21.76 36.82 4.70
N ILE D 71 21.97 36.22 3.49
CA ILE D 71 23.09 35.29 3.27
C ILE D 71 24.26 36.08 2.71
N SER D 72 25.46 35.77 3.20
CA SER D 72 26.67 36.41 2.75
C SER D 72 27.79 35.37 2.79
N ALA D 73 28.96 35.76 2.30
CA ALA D 73 30.13 34.88 2.38
C ALA D 73 31.38 35.72 2.37
N ASP D 74 32.44 35.17 2.96
CA ASP D 74 33.75 35.83 3.00
C ASP D 74 34.76 34.82 2.46
N THR D 75 35.19 35.01 1.22
CA THR D 75 36.10 34.04 0.62
C THR D 75 37.43 33.97 1.36
N SER D 76 37.89 35.09 1.95
CA SER D 76 39.16 35.05 2.69
C SER D 76 39.08 34.22 3.97
N LYS D 77 37.87 33.94 4.47
CA LYS D 77 37.68 33.00 5.58
C LYS D 77 37.10 31.65 5.14
N ASN D 78 36.87 31.47 3.85
CA ASN D 78 36.24 30.23 3.33
C ASN D 78 35.02 29.85 4.15
N THR D 79 34.18 30.84 4.41
CA THR D 79 33.10 30.70 5.37
C THR D 79 31.90 31.47 4.84
N ALA D 80 30.70 30.94 5.09
CA ALA D 80 29.45 31.58 4.71
C ALA D 80 28.62 31.84 5.96
N TYR D 81 27.62 32.69 5.83
CA TYR D 81 26.87 33.13 6.99
C TYR D 81 25.41 33.29 6.62
N LEU D 82 24.56 33.16 7.63
CA LEU D 82 23.13 33.44 7.48
C LEU D 82 22.77 34.32 8.66
N GLN D 83 22.56 35.60 8.40
CA GLN D 83 22.12 36.55 9.42
C GLN D 83 20.61 36.48 9.46
N MET D 84 20.05 36.02 10.59
CA MET D 84 18.60 35.86 10.72
C MET D 84 18.05 36.91 11.66
N ASN D 85 17.06 37.70 11.21
CA ASN D 85 16.44 38.73 12.02
C ASN D 85 14.93 38.50 12.12
N SER D 86 14.28 39.23 13.02
CA SER D 86 12.83 39.13 13.22
C SER D 86 12.40 37.66 13.35
N LEU D 87 13.12 36.91 14.19
CA LEU D 87 12.91 35.47 14.25
C LEU D 87 11.53 35.14 14.81
N ARG D 88 10.95 34.07 14.25
CA ARG D 88 9.63 33.61 14.65
C ARG D 88 9.71 32.16 15.12
N ALA D 89 8.69 31.74 15.86
CA ALA D 89 8.59 30.33 16.23
C ALA D 89 8.71 29.42 15.02
N GLU D 90 8.14 29.83 13.87
CA GLU D 90 8.18 29.02 12.65
C GLU D 90 9.60 28.79 12.13
N ASP D 91 10.59 29.56 12.61
CA ASP D 91 11.96 29.40 12.13
C ASP D 91 12.72 28.36 12.94
N THR D 92 12.12 27.82 13.99
CA THR D 92 12.74 26.74 14.75
C THR D 92 12.99 25.53 13.85
N ALA D 93 14.25 25.06 13.79
CA ALA D 93 14.63 24.01 12.85
C ALA D 93 16.12 23.70 12.99
N VAL D 94 16.53 22.58 12.41
CA VAL D 94 17.93 22.34 12.12
C VAL D 94 18.29 23.00 10.80
N TYR D 95 19.36 23.82 10.79
CA TYR D 95 19.80 24.57 9.62
C TYR D 95 21.05 23.88 9.09
N TYR D 96 20.95 23.32 7.90
CA TYR D 96 22.08 22.69 7.23
C TYR D 96 22.70 23.71 6.28
N CYS D 97 24.02 23.70 6.20
CA CYS D 97 24.76 24.29 5.12
C CYS D 97 25.14 23.21 4.10
N ALA D 98 25.12 23.57 2.82
CA ALA D 98 25.44 22.60 1.76
C ALA D 98 26.16 23.34 0.63
N ARG D 99 26.96 22.60 -0.13
CA ARG D 99 27.59 23.11 -1.35
C ARG D 99 27.13 22.30 -2.57
N GLY D 100 27.20 22.92 -3.74
CA GLY D 100 26.96 22.24 -4.98
C GLY D 100 26.86 23.22 -6.13
N PRO D 101 27.10 22.76 -7.37
CA PRO D 101 26.93 23.64 -8.54
C PRO D 101 25.46 24.00 -8.77
N GLY D 102 25.22 25.25 -9.19
CA GLY D 102 23.85 25.71 -9.32
C GLY D 102 23.11 25.56 -8.00
N TYR D 103 21.92 24.95 -8.05
CA TYR D 103 21.15 24.64 -6.86
C TYR D 103 21.16 23.15 -6.52
N ALA D 104 22.03 22.37 -7.15
CA ALA D 104 22.26 21.01 -6.70
C ALA D 104 23.08 21.06 -5.41
N MET D 105 22.85 20.10 -4.53
CA MET D 105 23.50 20.12 -3.21
C MET D 105 24.26 18.81 -3.03
N ASP D 106 25.53 18.81 -3.40
CA ASP D 106 26.28 17.57 -3.45
C ASP D 106 26.96 17.18 -2.14
N TYR D 107 27.08 18.11 -1.18
CA TYR D 107 27.59 17.78 0.15
C TYR D 107 26.92 18.66 1.21
N TRP D 108 26.50 18.05 2.32
CA TRP D 108 25.79 18.73 3.40
C TRP D 108 26.52 18.56 4.73
N GLY D 109 26.60 19.64 5.51
CA GLY D 109 27.04 19.54 6.88
C GLY D 109 25.97 18.93 7.78
N GLN D 110 26.36 18.68 9.02
CA GLN D 110 25.49 18.00 9.96
C GLN D 110 24.47 18.94 10.60
N GLY D 111 24.51 20.23 10.32
CA GLY D 111 23.47 21.16 10.72
C GLY D 111 23.60 21.68 12.14
N THR D 112 22.92 22.81 12.39
CA THR D 112 22.83 23.47 13.69
C THR D 112 21.38 23.72 14.09
N LEU D 113 21.06 23.40 15.36
CA LEU D 113 19.70 23.52 15.87
C LEU D 113 19.43 24.96 16.32
N VAL D 114 18.39 25.57 15.75
CA VAL D 114 17.95 26.90 16.16
C VAL D 114 16.58 26.75 16.77
N THR D 115 16.43 27.21 18.01
CA THR D 115 15.14 27.16 18.71
C THR D 115 14.74 28.59 19.05
N VAL D 116 13.57 29.00 18.57
CA VAL D 116 13.07 30.36 18.78
C VAL D 116 11.92 30.26 19.78
N SER D 117 12.15 30.72 21.01
CA SER D 117 11.14 30.60 22.06
C SER D 117 11.40 31.63 23.14
N SER D 118 10.33 32.14 23.75
CA SER D 118 10.46 33.00 24.90
C SER D 118 10.68 32.24 26.21
N ALA D 119 10.62 30.90 26.17
CA ALA D 119 10.80 30.08 27.36
C ALA D 119 12.25 30.03 27.81
N SER D 120 12.46 29.96 29.12
CA SER D 120 13.82 29.92 29.66
C SER D 120 14.38 28.51 29.59
N THR D 121 15.72 28.42 29.55
CA THR D 121 16.34 27.10 29.66
C THR D 121 16.05 26.50 31.03
N LYS D 122 15.96 25.17 31.07
CA LYS D 122 15.73 24.48 32.34
C LYS D 122 16.30 23.07 32.22
N GLY D 123 17.03 22.65 33.25
CA GLY D 123 17.59 21.33 33.25
C GLY D 123 16.56 20.30 33.63
N PRO D 124 16.75 19.06 33.19
CA PRO D 124 15.82 18.00 33.56
C PRO D 124 16.01 17.58 34.99
N SER D 125 14.95 16.99 35.55
CA SER D 125 15.02 16.13 36.72
C SER D 125 15.02 14.69 36.24
N VAL D 126 15.84 13.85 36.86
CA VAL D 126 16.02 12.46 36.44
C VAL D 126 15.50 11.55 37.54
N PHE D 127 14.51 10.72 37.21
CA PHE D 127 13.87 9.83 38.17
C PHE D 127 14.04 8.37 37.74
N PRO D 128 14.27 7.44 38.67
CA PRO D 128 14.45 6.05 38.27
C PRO D 128 13.15 5.42 37.78
N LEU D 129 13.31 4.52 36.82
CA LEU D 129 12.25 3.59 36.42
C LEU D 129 12.69 2.22 36.93
N ALA D 130 12.21 1.85 38.11
CA ALA D 130 12.78 0.70 38.82
C ALA D 130 12.22 -0.61 38.29
N PRO D 131 13.07 -1.63 38.13
CA PRO D 131 12.60 -2.93 37.65
C PRO D 131 11.73 -3.63 38.68
N SER D 132 10.87 -4.52 38.17
CA SER D 132 9.92 -5.25 39.00
C SER D 132 9.99 -6.75 38.72
N GLY D 139 14.07 -14.88 31.74
CA GLY D 139 14.12 -14.00 32.89
C GLY D 139 14.72 -12.63 32.62
N THR D 140 14.02 -11.81 31.84
CA THR D 140 14.45 -10.46 31.48
C THR D 140 13.68 -9.44 32.31
N ALA D 141 14.37 -8.37 32.73
CA ALA D 141 13.76 -7.28 33.47
C ALA D 141 14.00 -5.96 32.72
N ALA D 142 13.04 -5.05 32.84
CA ALA D 142 13.12 -3.74 32.21
C ALA D 142 13.34 -2.69 33.29
N LEU D 143 14.20 -1.71 32.98
CA LEU D 143 14.43 -0.59 33.88
C LEU D 143 14.83 0.61 33.02
N GLY D 144 14.80 1.80 33.63
CA GLY D 144 15.21 2.98 32.90
C GLY D 144 15.35 4.22 33.77
N CYS D 145 15.31 5.39 33.10
CA CYS D 145 15.08 6.63 33.81
C CYS D 145 14.18 7.55 32.99
N LEU D 146 13.33 8.25 33.72
CA LEU D 146 12.50 9.33 33.21
C LEU D 146 13.28 10.63 33.29
N VAL D 147 13.53 11.25 32.15
CA VAL D 147 14.28 12.51 32.06
C VAL D 147 13.23 13.59 31.83
N LYS D 148 12.86 14.33 32.87
CA LYS D 148 11.62 15.07 32.84
C LYS D 148 11.83 16.57 33.00
N ASP D 149 11.09 17.32 32.18
CA ASP D 149 10.85 18.75 32.34
C ASP D 149 12.09 19.58 32.00
N TYR D 150 12.57 19.47 30.76
CA TYR D 150 13.71 20.27 30.35
C TYR D 150 13.37 21.09 29.11
N PHE D 151 14.23 22.06 28.82
CA PHE D 151 14.07 22.92 27.66
C PHE D 151 15.38 23.66 27.46
N PRO D 152 15.85 23.81 26.23
CA PRO D 152 15.31 23.27 24.97
C PRO D 152 15.89 21.89 24.69
N GLU D 153 15.55 21.30 23.55
CA GLU D 153 16.28 20.15 23.05
C GLU D 153 17.73 20.55 22.77
N PRO D 154 18.68 19.59 22.84
CA PRO D 154 18.54 18.16 23.13
C PRO D 154 19.12 17.74 24.47
N VAL D 155 18.75 16.55 24.94
CA VAL D 155 19.52 15.83 25.95
C VAL D 155 20.13 14.61 25.29
N THR D 156 21.17 14.08 25.93
CA THR D 156 21.73 12.79 25.58
C THR D 156 21.66 11.88 26.80
N VAL D 157 21.45 10.60 26.55
CA VAL D 157 21.39 9.59 27.61
C VAL D 157 22.32 8.45 27.24
N SER D 158 23.18 8.06 28.18
CA SER D 158 23.93 6.82 28.09
C SER D 158 23.68 6.00 29.35
N TRP D 159 24.12 4.74 29.32
CA TRP D 159 23.96 3.82 30.44
C TRP D 159 25.34 3.30 30.85
N ASN D 160 25.64 3.36 32.15
CA ASN D 160 26.91 2.92 32.70
C ASN D 160 28.07 3.49 31.87
N SER D 161 27.99 4.80 31.58
CA SER D 161 29.01 5.55 30.82
C SER D 161 29.32 4.92 29.46
N GLY D 162 28.28 4.63 28.69
CA GLY D 162 28.45 4.04 27.38
C GLY D 162 28.90 2.59 27.37
N ALA D 163 29.16 1.98 28.53
CA ALA D 163 29.50 0.56 28.54
C ALA D 163 28.29 -0.31 28.28
N LEU D 164 27.09 0.16 28.64
CA LEU D 164 25.87 -0.60 28.42
C LEU D 164 25.17 -0.05 27.18
N THR D 165 25.05 -0.89 26.14
CA THR D 165 24.57 -0.41 24.86
C THR D 165 23.49 -1.32 24.29
N SER D 166 23.58 -2.62 24.56
CA SER D 166 22.61 -3.55 23.99
C SER D 166 21.30 -3.47 24.76
N GLY D 167 20.20 -3.43 24.02
CA GLY D 167 18.88 -3.43 24.62
C GLY D 167 18.41 -2.10 25.14
N VAL D 168 19.18 -1.02 24.96
CA VAL D 168 18.75 0.30 25.39
C VAL D 168 17.82 0.90 24.34
N HIS D 169 16.75 1.53 24.82
CA HIS D 169 15.90 2.35 23.98
C HIS D 169 15.75 3.70 24.67
N THR D 170 16.22 4.75 24.01
CA THR D 170 16.02 6.12 24.46
C THR D 170 14.97 6.75 23.56
N PHE D 171 13.80 7.00 24.12
CA PHE D 171 12.70 7.42 23.27
C PHE D 171 12.87 8.87 22.85
N PRO D 172 12.38 9.23 21.67
CA PRO D 172 12.42 10.63 21.28
C PRO D 172 11.58 11.46 22.24
N ALA D 173 12.03 12.69 22.49
CA ALA D 173 11.38 13.56 23.45
C ALA D 173 10.04 14.03 22.94
N VAL D 174 9.12 14.29 23.87
CA VAL D 174 7.80 14.78 23.51
C VAL D 174 7.51 16.06 24.28
N LEU D 175 6.92 17.03 23.59
CA LEU D 175 6.58 18.29 24.23
C LEU D 175 5.38 18.08 25.13
N GLN D 176 5.50 18.55 26.38
CA GLN D 176 4.39 18.49 27.31
C GLN D 176 3.50 19.72 27.14
N SER D 177 2.32 19.68 27.76
CA SER D 177 1.42 20.81 27.72
C SER D 177 2.01 22.06 28.35
N SER D 178 2.98 21.90 29.26
CA SER D 178 3.66 23.03 29.90
C SER D 178 4.76 23.65 29.05
N GLY D 179 5.01 23.15 27.85
CA GLY D 179 6.09 23.69 27.06
C GLY D 179 7.45 23.15 27.37
N LEU D 180 7.55 22.19 28.30
CA LEU D 180 8.80 21.52 28.61
C LEU D 180 8.81 20.11 28.04
N TYR D 181 10.00 19.62 27.72
CA TYR D 181 10.20 18.32 27.11
C TYR D 181 10.38 17.23 28.17
N SER D 182 10.05 16.00 27.79
CA SER D 182 10.34 14.88 28.68
C SER D 182 10.53 13.64 27.83
N LEU D 183 11.35 12.73 28.34
CA LEU D 183 11.59 11.45 27.68
C LEU D 183 12.00 10.44 28.73
N SER D 184 11.91 9.16 28.34
CA SER D 184 12.41 8.06 29.12
C SER D 184 13.43 7.30 28.28
N SER D 185 14.38 6.70 28.97
CA SER D 185 15.34 5.78 28.41
C SER D 185 15.20 4.49 29.17
N VAL D 186 15.01 3.37 28.47
CA VAL D 186 14.83 2.08 29.15
C VAL D 186 15.87 1.11 28.63
N VAL D 187 16.08 0.04 29.40
CA VAL D 187 16.95 -1.05 29.01
C VAL D 187 16.40 -2.33 29.63
N THR D 188 16.48 -3.41 28.85
CA THR D 188 16.12 -4.74 29.33
C THR D 188 17.37 -5.52 29.57
N VAL D 189 17.29 -6.36 30.59
CA VAL D 189 18.41 -7.17 31.04
C VAL D 189 17.85 -8.36 31.78
N PRO D 190 18.45 -9.51 31.61
CA PRO D 190 18.03 -10.69 32.35
C PRO D 190 18.16 -10.44 33.85
N SER D 191 17.21 -10.99 34.60
CA SER D 191 16.90 -10.50 35.92
C SER D 191 17.87 -10.97 37.01
N SER D 192 18.68 -11.98 36.72
CA SER D 192 19.63 -12.47 37.71
C SER D 192 20.65 -11.41 38.11
N SER D 193 20.71 -10.30 37.40
CA SER D 193 21.68 -9.25 37.67
C SER D 193 21.17 -8.18 38.62
N LEU D 194 19.86 -8.19 38.93
CA LEU D 194 19.22 -7.03 39.54
C LEU D 194 19.80 -6.64 40.90
N GLY D 195 20.43 -7.55 41.61
CA GLY D 195 20.98 -7.15 42.90
C GLY D 195 22.44 -6.77 42.89
N THR D 196 23.18 -7.24 41.89
CA THR D 196 24.64 -7.18 41.87
C THR D 196 25.19 -6.16 40.88
N GLN D 197 24.76 -6.24 39.63
CA GLN D 197 25.16 -5.26 38.62
C GLN D 197 24.58 -3.90 38.96
N THR D 198 25.39 -2.86 38.81
CA THR D 198 24.93 -1.51 39.04
C THR D 198 24.51 -0.89 37.71
N TYR D 199 23.34 -0.25 37.69
CA TYR D 199 22.81 0.41 36.51
C TYR D 199 22.66 1.88 36.80
N ILE D 200 23.42 2.69 36.07
CA ILE D 200 23.42 4.14 36.18
C ILE D 200 23.12 4.69 34.80
N CYS D 201 22.20 5.62 34.72
CA CYS D 201 21.97 6.33 33.48
C CYS D 201 22.57 7.72 33.59
N ASN D 202 23.42 8.06 32.62
CA ASN D 202 24.10 9.35 32.56
C ASN D 202 23.32 10.28 31.62
N VAL D 203 22.85 11.38 32.16
CA VAL D 203 22.01 12.33 31.44
C VAL D 203 22.74 13.65 31.32
N ASN D 204 22.77 14.20 30.10
CA ASN D 204 23.47 15.44 29.84
C ASN D 204 22.56 16.40 29.09
N HIS D 205 22.43 17.62 29.61
CA HIS D 205 21.66 18.70 28.98
C HIS D 205 22.61 19.88 28.84
N LYS D 206 23.37 19.89 27.75
CA LYS D 206 24.32 20.96 27.52
C LYS D 206 23.72 22.36 27.57
N PRO D 207 22.52 22.63 27.03
CA PRO D 207 22.00 24.00 27.08
C PRO D 207 21.89 24.57 28.48
N SER D 208 21.70 23.73 29.50
CA SER D 208 21.59 24.24 30.87
C SER D 208 22.80 23.88 31.73
N ASN D 209 23.86 23.35 31.13
CA ASN D 209 25.05 22.87 31.86
C ASN D 209 24.66 21.83 32.91
N THR D 210 23.62 21.02 32.66
CA THR D 210 23.16 20.02 33.61
C THR D 210 23.72 18.66 33.25
N LYS D 211 24.33 17.98 34.24
CA LYS D 211 24.81 16.61 34.12
C LYS D 211 24.31 15.82 35.32
N VAL D 212 23.69 14.67 35.07
CA VAL D 212 23.10 13.85 36.12
C VAL D 212 23.45 12.39 35.87
N ASP D 213 23.83 11.67 36.93
CA ASP D 213 24.03 10.23 36.91
C ASP D 213 23.16 9.64 38.01
N LYS D 214 22.11 8.90 37.63
CA LYS D 214 21.16 8.34 38.59
C LYS D 214 21.28 6.82 38.63
N LYS D 215 21.54 6.28 39.82
CA LYS D 215 21.52 4.83 40.01
C LYS D 215 20.08 4.32 40.00
N VAL D 216 19.85 3.25 39.24
CA VAL D 216 18.52 2.66 39.13
C VAL D 216 18.54 1.33 39.87
N GLU D 217 17.78 1.24 40.95
CA GLU D 217 17.77 0.10 41.83
C GLU D 217 16.34 -0.40 42.00
N PRO D 218 16.14 -1.68 42.37
CA PRO D 218 14.76 -2.20 42.37
C PRO D 218 14.02 -1.93 43.68
N ARG E 8 7.51 -20.60 -37.85
CA ARG E 8 6.10 -20.71 -37.49
C ARG E 8 5.89 -21.79 -36.42
N GLY E 9 6.98 -22.23 -35.78
CA GLY E 9 6.92 -23.27 -34.77
C GLY E 9 6.86 -22.73 -33.35
N LEU E 10 6.67 -23.64 -32.41
CA LEU E 10 6.62 -23.25 -31.01
C LEU E 10 7.96 -22.72 -30.52
N ASP E 11 9.04 -23.05 -31.22
CA ASP E 11 10.41 -22.80 -30.80
C ASP E 11 11.01 -21.54 -31.42
N LEU E 12 10.18 -20.67 -31.98
CA LEU E 12 10.66 -19.39 -32.52
C LEU E 12 11.52 -18.68 -31.48
N SER E 13 12.64 -18.14 -31.92
CA SER E 13 13.48 -17.40 -31.00
C SER E 13 12.78 -16.13 -30.53
N GLU E 14 13.22 -15.63 -29.38
CA GLU E 14 12.68 -14.38 -28.87
C GLU E 14 12.79 -13.26 -29.89
N GLU E 15 13.86 -13.26 -30.68
CA GLU E 15 14.04 -12.20 -31.67
C GLU E 15 13.05 -12.37 -32.82
N GLU E 16 12.76 -13.61 -33.19
CA GLU E 16 11.81 -13.86 -34.27
C GLU E 16 10.37 -13.57 -33.83
N VAL E 17 10.01 -13.84 -32.58
CA VAL E 17 8.67 -13.47 -32.14
C VAL E 17 8.52 -11.96 -32.11
N LYS E 18 9.56 -11.24 -31.68
CA LYS E 18 9.49 -9.78 -31.60
C LYS E 18 9.28 -9.18 -32.98
N LYS E 19 9.93 -9.75 -34.00
CA LYS E 19 9.81 -9.21 -35.35
C LYS E 19 8.42 -9.43 -35.92
N ILE E 20 7.79 -10.58 -35.64
CA ILE E 20 6.46 -10.80 -36.18
C ILE E 20 5.46 -9.82 -35.56
N LEU E 21 5.55 -9.63 -34.24
CA LEU E 21 4.65 -8.68 -33.59
C LEU E 21 4.94 -7.24 -33.99
N ASP E 22 6.21 -6.90 -34.23
CA ASP E 22 6.57 -5.57 -34.72
C ASP E 22 5.95 -5.30 -36.10
N GLU E 23 5.99 -6.30 -36.99
CA GLU E 23 5.41 -6.12 -38.32
C GLU E 23 3.89 -6.04 -38.24
N ILE E 24 3.29 -6.72 -37.27
CA ILE E 24 1.86 -6.56 -37.05
C ILE E 24 1.55 -5.13 -36.62
N VAL E 25 2.21 -4.67 -35.56
CA VAL E 25 1.95 -3.33 -35.02
C VAL E 25 2.16 -2.28 -36.08
N LYS E 26 3.24 -2.40 -36.85
CA LYS E 26 3.48 -1.49 -37.96
C LYS E 26 2.40 -1.63 -39.03
N ASP E 27 2.11 -2.87 -39.42
CA ASP E 27 1.14 -3.16 -40.50
C ASP E 27 0.83 -4.65 -40.58
N ARG F 8 30.33 29.54 -12.24
CA ARG F 8 30.59 29.53 -10.80
C ARG F 8 29.44 30.17 -10.03
N GLY F 9 28.38 30.55 -10.74
CA GLY F 9 27.28 31.28 -10.15
C GLY F 9 26.02 30.44 -9.93
N LEU F 10 25.03 31.08 -9.33
CA LEU F 10 23.80 30.36 -9.03
C LEU F 10 23.06 29.93 -10.29
N ASP F 11 23.26 30.64 -11.40
CA ASP F 11 22.44 30.51 -12.60
C ASP F 11 23.03 29.52 -13.60
N LEU F 12 23.90 28.62 -13.13
CA LEU F 12 24.44 27.55 -13.95
C LEU F 12 23.33 26.80 -14.66
N SER F 13 23.50 26.56 -15.96
CA SER F 13 22.55 25.78 -16.73
C SER F 13 22.53 24.33 -16.25
N GLU F 14 21.44 23.61 -16.57
CA GLU F 14 21.34 22.23 -16.09
C GLU F 14 22.46 21.38 -16.68
N GLU F 15 22.87 21.67 -17.91
CA GLU F 15 23.95 20.90 -18.52
C GLU F 15 25.28 21.18 -17.82
N GLU F 16 25.51 22.44 -17.43
CA GLU F 16 26.75 22.77 -16.73
C GLU F 16 26.77 22.15 -15.33
N VAL F 17 25.61 22.08 -14.67
CA VAL F 17 25.52 21.38 -13.39
C VAL F 17 25.87 19.90 -13.57
N LYS F 18 25.24 19.25 -14.57
CA LYS F 18 25.60 17.89 -14.98
C LYS F 18 27.10 17.70 -15.13
N LYS F 19 27.74 18.56 -15.92
CA LYS F 19 29.18 18.40 -16.20
C LYS F 19 30.00 18.39 -14.91
N ILE F 20 29.77 19.35 -14.00
CA ILE F 20 30.58 19.44 -12.79
C ILE F 20 30.39 18.20 -11.92
N LEU F 21 29.13 17.78 -11.70
CA LEU F 21 28.93 16.60 -10.89
C LEU F 21 29.49 15.35 -11.57
N ASP F 22 29.33 15.25 -12.90
CA ASP F 22 29.96 14.19 -13.68
C ASP F 22 31.46 14.16 -13.47
N GLU F 23 32.10 15.33 -13.39
CA GLU F 23 33.54 15.38 -13.22
C GLU F 23 33.96 15.08 -11.80
N ILE F 24 33.08 15.37 -10.84
CA ILE F 24 33.30 14.93 -9.47
C ILE F 24 33.23 13.40 -9.39
N VAL F 25 32.23 12.81 -10.04
CA VAL F 25 32.08 11.34 -10.02
C VAL F 25 33.33 10.66 -10.58
N LYS F 26 33.83 11.17 -11.72
CA LYS F 26 35.04 10.62 -12.33
C LYS F 26 36.23 10.69 -11.37
N ASP F 27 36.28 11.73 -10.53
CA ASP F 27 37.42 11.98 -9.64
C ASP F 27 37.00 12.11 -8.18
#